data_4M70
#
_entry.id   4M70
#
_cell.length_a   74.085
_cell.length_b   91.142
_cell.length_c   87.762
_cell.angle_alpha   90.00
_cell.angle_beta   101.26
_cell.angle_gamma   90.00
#
_symmetry.space_group_name_H-M   'P 1 21 1'
#
loop_
_entity.id
_entity.type
_entity.pdbx_description
1 polymer 'Rx protein'
2 polymer 'Ran GTPase activating protein 2'
3 polymer 'Ran GTPase activating protein 2'
4 water water
#
loop_
_entity_poly.entity_id
_entity_poly.type
_entity_poly.pdbx_seq_one_letter_code
_entity_poly.pdbx_strand_id
1 'polypeptide(L)'
;AAGAMAYAAVTSLMRTIHQSMELTGCDLQPFYEKLKSLRAILEKSCNIMGDHEGLTILEVEIVEVAYTTEDMVDSESRNV
FLAQNLEERSRAMWEIFFVLEQALECIDSTVKQWMATSDSMKDLKP
;
A,L,I,H,Q
2 'polypeptide(L)'
;AIKLWPPSENTRKMLVERMTNNLSSPTIFTRKYRSLSKEEAAKNAEEIEDAAFTIANQHYEKEPDGDGSSAVQLYARECS
KLILEILKKIPKSEDKEIS
;
E,J,B,K
3 'polypeptide(L)'
;(UNK)(UNK)(UNK)(UNK)(UNK)(UNK)(UNK)(UNK)(UNK)(UNK)(UNK)(UNK)(UNK)(UNK)(UNK)(UNK)
(UNK)(UNK)(UNK)(UNK)(UNK)(UNK)(UNK)SSPTIFTRKYRSLSKEEAAKNAEEIEDAAFTIANQH(UNK)
(UNK)(UNK)(UNK)(UNK)(UNK)(UNK)(UNK)(UNK)(UNK)(UNK)(UNK)(UNK)(UNK)(UNK)(UNK)(UNK)
(UNK)(UNK)(UNK)(UNK)(UNK)(UNK)(UNK)(UNK)(UNK)(UNK)(UNK)(UNK)(UNK)(UNK)(UNK)(UNK)
(UNK)(UNK)(UNK)(UNK)(UNK)(UNK)(UNK)
;
R
#
# COMPACT_ATOMS: atom_id res chain seq x y z
N GLY A 3 60.60 7.08 5.97
CA GLY A 3 59.54 7.41 6.91
C GLY A 3 60.08 7.89 8.25
N ALA A 4 61.38 7.73 8.44
CA ALA A 4 62.04 8.07 9.70
C ALA A 4 62.01 9.56 10.03
N MET A 5 62.23 10.38 9.02
CA MET A 5 62.26 11.83 9.20
C MET A 5 60.90 12.36 9.55
N ALA A 6 59.89 11.85 8.86
CA ALA A 6 58.51 12.19 9.12
C ALA A 6 58.08 11.72 10.51
N TYR A 7 58.46 10.50 10.86
CA TYR A 7 58.14 9.96 12.18
C TYR A 7 58.74 10.86 13.26
N ALA A 8 60.00 11.23 13.09
CA ALA A 8 60.68 12.07 14.09
C ALA A 8 60.04 13.44 14.19
N ALA A 9 59.74 14.05 13.05
CA ALA A 9 59.13 15.37 13.02
C ALA A 9 57.74 15.40 13.66
N VAL A 10 56.90 14.42 13.31
CA VAL A 10 55.55 14.32 13.87
C VAL A 10 55.62 14.06 15.37
N THR A 11 56.58 13.24 15.79
CA THR A 11 56.78 12.97 17.22
C THR A 11 57.13 14.26 17.96
N SER A 12 58.02 15.05 17.36
CA SER A 12 58.42 16.31 17.95
C SER A 12 57.23 17.27 18.03
N LEU A 13 56.39 17.27 17.00
CA LEU A 13 55.20 18.12 16.99
C LEU A 13 54.20 17.71 18.09
N MET A 14 54.06 16.40 18.29
CA MET A 14 53.19 15.87 19.34
C MET A 14 53.69 16.37 20.69
N ARG A 15 54.99 16.24 20.91
CA ARG A 15 55.62 16.70 22.15
C ARG A 15 55.42 18.21 22.36
N THR A 16 55.56 18.97 21.27
CA THR A 16 55.39 20.43 21.30
C THR A 16 53.95 20.79 21.68
N ILE A 17 53.01 20.04 21.11
CA ILE A 17 51.60 20.25 21.40
C ILE A 17 51.33 20.01 22.88
N HIS A 18 51.86 18.91 23.42
CA HIS A 18 51.70 18.67 24.86
C HIS A 18 52.33 19.77 25.74
N GLN A 19 53.51 20.27 25.34
CA GLN A 19 54.12 21.38 26.08
C GLN A 19 53.22 22.62 26.07
N SER A 20 52.64 22.90 24.91
CA SER A 20 51.70 24.01 24.77
C SER A 20 50.47 23.77 25.65
N MET A 21 50.01 22.53 25.73
CA MET A 21 48.86 22.20 26.57
C MET A 21 49.16 22.46 28.04
N GLU A 22 50.34 22.02 28.46
CA GLU A 22 50.79 22.22 29.84
C GLU A 22 50.86 23.70 30.18
N LEU A 23 51.35 24.50 29.23
CA LEU A 23 51.51 25.92 29.51
C LEU A 23 50.19 26.71 29.43
N THR A 24 49.40 26.41 28.42
CA THR A 24 48.24 27.23 28.07
C THR A 24 46.94 26.65 28.61
N GLY A 25 46.88 25.33 28.79
CA GLY A 25 45.66 24.72 29.26
C GLY A 25 44.70 24.45 28.12
N CYS A 26 45.09 24.83 26.91
CA CYS A 26 44.25 24.67 25.73
C CYS A 26 43.94 23.20 25.49
N ASP A 27 42.78 22.96 24.87
CA ASP A 27 42.36 21.61 24.55
C ASP A 27 42.92 21.25 23.20
N LEU A 28 44.13 20.69 23.20
CA LEU A 28 44.82 20.35 21.96
C LEU A 28 44.95 18.84 21.80
N GLN A 29 44.45 18.08 22.77
CA GLN A 29 44.53 16.62 22.72
C GLN A 29 43.95 15.98 21.46
N PRO A 30 42.85 16.52 20.90
CA PRO A 30 42.40 15.94 19.62
C PRO A 30 43.45 16.02 18.52
N PHE A 31 44.17 17.15 18.44
CA PHE A 31 45.26 17.30 17.48
C PHE A 31 46.33 16.27 17.75
N TYR A 32 46.67 16.09 19.01
CA TYR A 32 47.67 15.12 19.44
C TYR A 32 47.29 13.71 18.98
N GLU A 33 46.03 13.33 19.21
CA GLU A 33 45.55 12.00 18.86
C GLU A 33 45.53 11.78 17.35
N LYS A 34 45.09 12.80 16.61
CA LYS A 34 45.08 12.71 15.16
C LYS A 34 46.49 12.57 14.61
N LEU A 35 47.43 13.29 15.22
CA LEU A 35 48.82 13.23 14.83
C LEU A 35 49.44 11.87 15.09
N LYS A 36 49.18 11.35 16.29
CA LYS A 36 49.66 10.04 16.71
C LYS A 36 49.14 8.97 15.75
N SER A 37 47.85 9.05 15.43
CA SER A 37 47.24 8.11 14.51
C SER A 37 47.86 8.16 13.11
N LEU A 38 48.09 9.37 12.61
CA LEU A 38 48.70 9.53 11.30
C LEU A 38 50.13 8.98 11.31
N ARG A 39 50.82 9.19 12.43
CA ARG A 39 52.20 8.73 12.55
C ARG A 39 52.20 7.20 12.55
N ALA A 40 51.21 6.63 13.24
CA ALA A 40 51.01 5.19 13.28
C ALA A 40 50.84 4.65 11.87
N ILE A 41 50.12 5.41 11.05
CA ILE A 41 49.94 5.03 9.65
C ILE A 41 51.28 5.04 8.91
N LEU A 42 52.09 6.07 9.12
CA LEU A 42 53.38 6.14 8.43
C LEU A 42 54.30 4.96 8.74
N GLU A 43 54.35 4.56 10.02
CA GLU A 43 55.23 3.47 10.41
C GLU A 43 54.79 2.14 9.81
N LEU A 55 58.26 9.69 -2.89
CA LEU A 55 57.91 9.55 -1.48
C LEU A 55 58.82 10.41 -0.61
N THR A 56 60.10 10.48 -0.99
CA THR A 56 61.06 11.29 -0.25
C THR A 56 60.60 12.74 -0.28
N ILE A 57 60.01 13.13 -1.41
CA ILE A 57 59.45 14.47 -1.56
C ILE A 57 58.34 14.69 -0.54
N LEU A 58 57.45 13.70 -0.41
CA LEU A 58 56.38 13.78 0.59
C LEU A 58 56.96 13.88 2.00
N GLU A 59 58.03 13.14 2.26
CA GLU A 59 58.66 13.16 3.58
C GLU A 59 59.23 14.55 3.87
N VAL A 60 59.81 15.17 2.85
CA VAL A 60 60.29 16.55 2.97
C VAL A 60 59.12 17.46 3.33
N GLU A 61 58.00 17.28 2.63
CA GLU A 61 56.80 18.07 2.88
C GLU A 61 56.32 17.96 4.34
N ILE A 62 56.21 16.73 4.82
CA ILE A 62 55.78 16.48 6.20
C ILE A 62 56.76 17.05 7.22
N VAL A 63 58.05 16.82 7.00
CA VAL A 63 59.08 17.31 7.90
C VAL A 63 59.06 18.83 8.05
N GLU A 64 59.11 19.54 6.93
CA GLU A 64 59.14 21.00 7.00
C GLU A 64 57.83 21.54 7.58
N VAL A 65 56.69 21.01 7.13
CA VAL A 65 55.41 21.45 7.68
C VAL A 65 55.35 21.28 9.19
N ALA A 66 55.76 20.11 9.68
CA ALA A 66 55.73 19.82 11.10
C ALA A 66 56.64 20.75 11.91
N TYR A 67 57.86 20.93 11.44
CA TYR A 67 58.81 21.78 12.14
C TYR A 67 58.34 23.25 12.18
N THR A 68 57.82 23.73 11.04
CA THR A 68 57.27 25.08 10.95
C THR A 68 56.13 25.28 11.95
N THR A 69 55.22 24.30 11.97
CA THR A 69 54.09 24.32 12.88
C THR A 69 54.60 24.37 14.32
N GLU A 70 55.66 23.62 14.58
CA GLU A 70 56.28 23.60 15.91
C GLU A 70 56.69 24.99 16.32
N ASP A 71 57.38 25.68 15.41
CA ASP A 71 57.84 27.03 15.69
C ASP A 71 56.68 27.96 16.01
N MET A 72 55.61 27.86 15.21
CA MET A 72 54.43 28.71 15.42
C MET A 72 53.70 28.45 16.74
N VAL A 73 53.53 27.18 17.08
CA VAL A 73 52.89 26.81 18.33
C VAL A 73 53.72 27.27 19.54
N ASP A 74 55.04 27.09 19.45
CA ASP A 74 55.95 27.57 20.49
C ASP A 74 55.80 29.08 20.69
N SER A 75 55.83 29.81 19.57
CA SER A 75 55.75 31.27 19.59
C SER A 75 54.43 31.77 20.18
N GLU A 76 53.34 31.21 19.71
CA GLU A 76 52.02 31.64 20.15
C GLU A 76 51.73 31.24 21.60
N SER A 77 52.28 30.11 22.02
CA SER A 77 52.18 29.72 23.41
C SER A 77 52.93 30.72 24.28
N ARG A 78 54.10 31.15 23.79
CA ARG A 78 54.81 32.24 24.48
C ARG A 78 53.94 33.49 24.56
N ASN A 79 53.19 33.77 23.48
CA ASN A 79 52.26 34.89 23.50
C ASN A 79 51.13 34.73 24.52
N VAL A 80 50.71 33.49 24.75
CA VAL A 80 49.73 33.18 25.80
C VAL A 80 50.32 33.47 27.18
N PHE A 81 51.57 33.07 27.38
CA PHE A 81 52.25 33.33 28.65
C PHE A 81 52.33 34.82 28.93
N LEU A 82 52.58 35.60 27.88
CA LEU A 82 52.78 37.04 28.02
C LEU A 82 51.46 37.80 28.01
N ALA A 83 50.35 37.08 27.85
CA ALA A 83 49.05 37.72 27.73
C ALA A 83 48.72 38.61 28.93
N GLN A 84 48.45 39.88 28.65
CA GLN A 84 48.14 40.88 29.66
C GLN A 84 46.63 41.03 29.84
N ASN A 85 45.88 40.50 28.88
CA ASN A 85 44.42 40.61 28.90
C ASN A 85 43.70 39.49 28.17
N LEU A 86 42.37 39.56 28.19
CA LEU A 86 41.51 38.54 27.59
C LEU A 86 41.66 38.50 26.05
N GLU A 87 41.78 39.67 25.43
CA GLU A 87 41.91 39.75 23.97
C GLU A 87 43.21 39.13 23.45
N GLU A 88 44.32 39.48 24.10
CA GLU A 88 45.63 38.99 23.69
C GLU A 88 45.67 37.47 23.85
N ARG A 89 45.12 37.02 24.97
CA ARG A 89 45.03 35.61 25.29
C ARG A 89 44.25 34.83 24.24
N SER A 90 43.05 35.32 23.93
CA SER A 90 42.19 34.65 22.97
C SER A 90 42.79 34.64 21.58
N ARG A 91 43.37 35.76 21.17
CA ARG A 91 44.01 35.83 19.86
C ARG A 91 45.12 34.79 19.75
N ALA A 92 45.94 34.68 20.80
CA ALA A 92 47.02 33.69 20.80
C ALA A 92 46.50 32.23 20.76
N MET A 93 45.50 31.93 21.58
CA MET A 93 44.90 30.59 21.58
C MET A 93 44.35 30.26 20.20
N TRP A 94 43.63 31.22 19.63
CA TRP A 94 43.03 31.08 18.31
C TRP A 94 44.11 30.77 17.29
N GLU A 95 45.23 31.47 17.42
CA GLU A 95 46.33 31.28 16.49
C GLU A 95 46.86 29.85 16.58
N ILE A 96 46.98 29.34 17.82
CA ILE A 96 47.40 27.95 18.02
C ILE A 96 46.44 26.95 17.35
N PHE A 97 45.14 27.13 17.59
CA PHE A 97 44.13 26.24 17.03
C PHE A 97 44.19 26.23 15.50
N PHE A 98 44.24 27.43 14.93
CA PHE A 98 44.23 27.61 13.49
C PHE A 98 45.45 26.97 12.84
N VAL A 99 46.62 27.23 13.41
CA VAL A 99 47.84 26.66 12.84
C VAL A 99 47.83 25.13 12.95
N LEU A 100 47.35 24.60 14.07
CA LEU A 100 47.31 23.16 14.22
C LEU A 100 46.35 22.47 13.27
N GLU A 101 45.19 23.08 13.04
CA GLU A 101 44.26 22.54 12.04
C GLU A 101 44.83 22.62 10.60
N GLN A 102 45.45 23.75 10.24
CA GLN A 102 46.08 23.87 8.92
C GLN A 102 47.13 22.78 8.72
N ALA A 103 47.97 22.63 9.75
CA ALA A 103 49.05 21.65 9.74
C ALA A 103 48.49 20.24 9.60
N LEU A 104 47.47 19.93 10.39
CA LEU A 104 46.86 18.60 10.34
C LEU A 104 46.20 18.30 9.00
N GLU A 105 45.62 19.32 8.37
CA GLU A 105 45.06 19.13 7.03
C GLU A 105 46.17 18.78 6.05
N CYS A 106 47.27 19.54 6.10
CA CYS A 106 48.41 19.26 5.22
C CYS A 106 49.00 17.87 5.43
N ILE A 107 49.27 17.51 6.69
CA ILE A 107 49.85 16.22 7.00
C ILE A 107 48.91 15.06 6.65
N ASP A 108 47.61 15.23 6.89
CA ASP A 108 46.64 14.22 6.53
C ASP A 108 46.66 13.98 5.02
N SER A 109 46.62 15.08 4.26
CA SER A 109 46.67 14.99 2.81
C SER A 109 47.93 14.28 2.31
N THR A 110 49.08 14.69 2.87
CA THR A 110 50.35 14.12 2.46
C THR A 110 50.45 12.64 2.80
N VAL A 111 49.92 12.25 3.96
CA VAL A 111 49.96 10.85 4.38
C VAL A 111 49.05 9.97 3.51
N LYS A 112 47.91 10.51 3.11
CA LYS A 112 47.03 9.78 2.19
C LYS A 112 47.68 9.59 0.82
N GLN A 113 48.31 10.64 0.33
CA GLN A 113 49.08 10.56 -0.91
C GLN A 113 50.22 9.54 -0.76
N TRP A 114 50.80 9.52 0.43
CA TRP A 114 51.87 8.60 0.79
C TRP A 114 51.36 7.17 0.64
N MET A 115 50.14 6.93 1.10
CA MET A 115 49.53 5.60 0.97
C MET A 115 49.30 5.22 -0.49
N ALA A 116 48.80 6.18 -1.26
CA ALA A 116 48.53 5.97 -2.68
C ALA A 116 49.81 5.60 -3.42
N THR A 117 50.90 6.27 -3.06
CA THR A 117 52.21 6.02 -3.66
C THR A 117 52.73 4.67 -3.16
N SER A 118 52.39 4.35 -1.92
CA SER A 118 52.80 3.08 -1.30
C SER A 118 52.14 1.89 -2.00
N ASP A 119 51.00 2.14 -2.66
CA ASP A 119 50.40 1.10 -3.49
C ASP A 119 51.07 1.04 -4.86
N SER A 120 50.99 2.13 -5.63
CA SER A 120 51.67 2.25 -6.91
C SER A 120 51.58 3.67 -7.46
N ILE B 2 -17.02 -19.71 10.66
CA ILE B 2 -17.17 -19.11 11.98
C ILE B 2 -18.68 -19.05 12.30
N LYS B 3 -19.06 -18.65 13.52
CA LYS B 3 -20.46 -18.56 13.90
C LYS B 3 -20.83 -17.15 14.32
N LEU B 4 -21.51 -16.45 13.44
CA LEU B 4 -21.93 -15.08 13.67
C LEU B 4 -23.36 -15.04 14.13
N TRP B 5 -24.13 -16.04 13.73
CA TRP B 5 -25.55 -16.06 14.05
C TRP B 5 -25.82 -16.73 15.40
N PRO B 6 -26.71 -16.11 16.20
CA PRO B 6 -27.31 -14.81 15.86
C PRO B 6 -26.49 -13.63 16.38
N PRO B 7 -26.61 -12.48 15.71
CA PRO B 7 -25.88 -11.31 16.20
C PRO B 7 -26.46 -10.85 17.53
N SER B 8 -25.60 -10.34 18.40
CA SER B 8 -26.05 -9.78 19.68
C SER B 8 -26.90 -8.53 19.45
N GLU B 9 -27.62 -8.12 20.48
CA GLU B 9 -28.40 -6.89 20.42
C GLU B 9 -27.52 -5.68 20.10
N ASN B 10 -26.31 -5.66 20.67
CA ASN B 10 -25.37 -4.58 20.40
C ASN B 10 -24.93 -4.52 18.92
N THR B 11 -24.61 -5.70 18.38
CA THR B 11 -24.28 -5.83 16.96
C THR B 11 -25.43 -5.39 16.08
N ARG B 12 -26.63 -5.85 16.42
CA ARG B 12 -27.82 -5.48 15.67
C ARG B 12 -28.04 -3.97 15.72
N LYS B 13 -27.71 -3.37 16.85
CA LYS B 13 -27.83 -1.93 17.06
C LYS B 13 -26.86 -1.18 16.14
N MET B 14 -25.63 -1.69 16.05
CA MET B 14 -24.69 -1.10 15.11
C MET B 14 -25.19 -1.23 13.67
N LEU B 15 -25.76 -2.38 13.35
CA LEU B 15 -26.24 -2.59 11.99
C LEU B 15 -27.41 -1.66 11.66
N VAL B 16 -28.27 -1.41 12.64
CA VAL B 16 -29.35 -0.44 12.50
C VAL B 16 -28.76 0.94 12.23
N GLU B 17 -27.67 1.27 12.92
CA GLU B 17 -27.00 2.55 12.69
C GLU B 17 -26.44 2.64 11.26
N ARG B 18 -25.77 1.58 10.83
CA ARG B 18 -25.24 1.48 9.48
C ARG B 18 -26.35 1.64 8.43
N MET B 19 -27.48 1.00 8.64
CA MET B 19 -28.59 1.05 7.69
C MET B 19 -29.22 2.44 7.67
N THR B 20 -29.23 3.08 8.83
CA THR B 20 -29.70 4.47 8.96
C THR B 20 -28.82 5.41 8.14
N ASN B 21 -27.51 5.25 8.28
CA ASN B 21 -26.54 6.00 7.50
C ASN B 21 -26.72 5.73 6.00
N ASN B 22 -27.00 4.47 5.68
CA ASN B 22 -27.24 4.04 4.32
C ASN B 22 -28.40 4.80 3.67
N LEU B 23 -29.47 4.98 4.43
CA LEU B 23 -30.64 5.67 3.91
C LEU B 23 -30.47 7.20 3.92
N SER B 24 -29.68 7.70 4.87
CA SER B 24 -29.57 9.15 5.06
C SER B 24 -28.43 9.87 4.34
N SER B 25 -27.35 9.15 4.03
CA SER B 25 -26.22 9.80 3.37
C SER B 25 -25.57 8.88 2.33
N PRO B 26 -25.38 9.42 1.12
CA PRO B 26 -24.95 8.64 -0.06
C PRO B 26 -23.48 8.24 -0.04
N THR B 27 -23.19 7.05 -0.54
CA THR B 27 -21.83 6.58 -0.79
C THR B 27 -21.71 6.21 -2.25
N ILE B 28 -20.59 5.58 -2.63
CA ILE B 28 -20.40 5.15 -4.01
C ILE B 28 -21.45 4.10 -4.40
N PHE B 29 -22.00 3.40 -3.40
CA PHE B 29 -22.97 2.34 -3.67
C PHE B 29 -24.39 2.87 -3.90
N THR B 30 -24.65 4.10 -3.48
CA THR B 30 -26.00 4.65 -3.54
C THR B 30 -26.07 6.05 -4.18
N ARG B 31 -25.03 6.39 -4.93
CA ARG B 31 -24.92 7.72 -5.54
C ARG B 31 -25.96 7.98 -6.64
N LYS B 32 -26.53 6.92 -7.20
CA LYS B 32 -27.54 7.05 -8.23
C LYS B 32 -28.89 7.49 -7.64
N TYR B 33 -29.01 7.40 -6.32
CA TYR B 33 -30.28 7.66 -5.65
C TYR B 33 -30.19 8.86 -4.72
N ARG B 34 -31.34 9.49 -4.44
CA ARG B 34 -31.39 10.55 -3.45
C ARG B 34 -31.44 9.94 -2.04
N SER B 35 -31.33 10.77 -1.02
CA SER B 35 -31.32 10.27 0.34
C SER B 35 -32.59 10.60 1.11
N LEU B 36 -32.78 9.93 2.24
CA LEU B 36 -33.88 10.24 3.14
C LEU B 36 -33.33 11.08 4.28
N SER B 37 -34.22 11.66 5.06
CA SER B 37 -33.81 12.38 6.27
C SER B 37 -33.42 11.38 7.36
N LYS B 38 -32.59 11.81 8.30
CA LYS B 38 -32.11 10.91 9.35
C LYS B 38 -33.25 10.29 10.16
N GLU B 39 -34.33 11.04 10.35
CA GLU B 39 -35.50 10.56 11.08
C GLU B 39 -36.16 9.39 10.34
N GLU B 40 -36.54 9.62 9.09
CA GLU B 40 -37.16 8.56 8.28
C GLU B 40 -36.21 7.42 8.04
N ALA B 41 -34.93 7.75 7.88
CA ALA B 41 -33.91 6.73 7.71
C ALA B 41 -33.91 5.81 8.92
N ALA B 42 -33.92 6.40 10.12
CA ALA B 42 -33.88 5.62 11.35
C ALA B 42 -35.12 4.73 11.50
N LYS B 43 -36.29 5.30 11.24
CA LYS B 43 -37.54 4.54 11.35
C LYS B 43 -37.52 3.32 10.41
N ASN B 44 -37.21 3.58 9.14
CA ASN B 44 -37.16 2.49 8.17
C ASN B 44 -36.12 1.43 8.54
N ALA B 45 -34.93 1.90 8.93
CA ALA B 45 -33.83 1.01 9.29
C ALA B 45 -34.19 0.08 10.43
N GLU B 46 -34.75 0.64 11.49
CA GLU B 46 -35.10 -0.18 12.65
C GLU B 46 -36.18 -1.23 12.31
N GLU B 47 -37.21 -0.80 11.58
CA GLU B 47 -38.27 -1.75 11.19
C GLU B 47 -37.74 -2.88 10.30
N ILE B 48 -36.96 -2.50 9.29
CA ILE B 48 -36.39 -3.46 8.34
C ILE B 48 -35.51 -4.46 9.07
N GLU B 49 -34.62 -3.94 9.91
CA GLU B 49 -33.70 -4.81 10.64
C GLU B 49 -34.46 -5.81 11.48
N ASP B 50 -35.51 -5.36 12.17
CA ASP B 50 -36.25 -6.30 13.00
C ASP B 50 -36.95 -7.40 12.16
N ALA B 51 -37.60 -7.00 11.07
CA ALA B 51 -38.27 -8.01 10.22
C ALA B 51 -37.28 -9.02 9.63
N ALA B 52 -36.17 -8.50 9.11
CA ALA B 52 -35.10 -9.34 8.55
C ALA B 52 -34.52 -10.30 9.59
N PHE B 53 -34.26 -9.79 10.80
CA PHE B 53 -33.77 -10.65 11.87
C PHE B 53 -34.78 -11.75 12.19
N THR B 54 -36.05 -11.37 12.31
CA THR B 54 -37.08 -12.37 12.60
C THR B 54 -37.12 -13.50 11.57
N ILE B 55 -37.15 -13.14 10.29
CA ILE B 55 -37.16 -14.16 9.24
C ILE B 55 -35.90 -15.02 9.30
N ALA B 56 -34.73 -14.37 9.33
CA ALA B 56 -33.47 -15.11 9.29
C ALA B 56 -33.27 -16.03 10.50
N ASN B 57 -33.71 -15.56 11.66
CA ASN B 57 -33.61 -16.35 12.89
C ASN B 57 -34.56 -17.52 12.88
N GLN B 58 -35.77 -17.31 12.37
CA GLN B 58 -36.71 -18.41 12.21
C GLN B 58 -36.11 -19.47 11.29
N HIS B 59 -35.43 -19.02 10.23
CA HIS B 59 -34.70 -19.92 9.36
C HIS B 59 -33.62 -20.69 10.11
N TYR B 60 -32.88 -19.97 10.94
CA TYR B 60 -31.77 -20.54 11.69
C TYR B 60 -32.21 -21.61 12.69
N GLU B 61 -33.33 -21.37 13.37
CA GLU B 61 -33.85 -22.31 14.36
C GLU B 61 -34.36 -23.63 13.76
N LYS B 62 -34.69 -23.59 12.48
CA LYS B 62 -35.08 -24.79 11.74
C LYS B 62 -33.88 -25.49 11.11
N GLU B 63 -32.68 -24.98 11.35
CA GLU B 63 -31.48 -25.49 10.69
C GLU B 63 -30.58 -26.15 11.73
N PRO B 64 -30.56 -27.49 11.74
CA PRO B 64 -29.77 -28.31 12.66
C PRO B 64 -28.26 -28.28 12.37
N ASP B 65 -27.92 -28.40 11.10
CA ASP B 65 -26.54 -28.51 10.64
C ASP B 65 -25.81 -27.16 10.58
N GLY B 66 -24.53 -27.21 10.23
CA GLY B 66 -23.68 -26.04 9.98
C GLY B 66 -23.34 -25.00 11.04
N ASP B 67 -22.88 -23.85 10.55
CA ASP B 67 -22.43 -22.71 11.37
C ASP B 67 -23.39 -21.54 11.53
N GLY B 68 -24.53 -21.58 10.83
CA GLY B 68 -25.43 -20.44 10.81
C GLY B 68 -25.14 -19.47 9.67
N SER B 69 -24.24 -19.87 8.77
CA SER B 69 -23.88 -19.04 7.63
C SER B 69 -25.09 -18.69 6.75
N SER B 70 -25.99 -19.65 6.56
CA SER B 70 -27.16 -19.43 5.72
C SER B 70 -28.08 -18.34 6.31
N ALA B 71 -28.14 -18.30 7.64
CA ALA B 71 -28.93 -17.28 8.32
C ALA B 71 -28.28 -15.90 8.15
N VAL B 72 -26.96 -15.86 8.29
CA VAL B 72 -26.19 -14.64 8.10
C VAL B 72 -26.42 -14.07 6.71
N GLN B 73 -26.29 -14.93 5.70
CA GLN B 73 -26.48 -14.56 4.31
C GLN B 73 -27.89 -14.07 4.03
N LEU B 74 -28.87 -14.81 4.54
CA LEU B 74 -30.26 -14.43 4.37
C LEU B 74 -30.57 -13.07 4.98
N TYR B 75 -30.10 -12.86 6.21
CA TYR B 75 -30.25 -11.59 6.93
C TYR B 75 -29.63 -10.40 6.19
N ALA B 76 -28.37 -10.53 5.82
CA ALA B 76 -27.66 -9.43 5.14
C ALA B 76 -28.34 -9.10 3.82
N ARG B 77 -28.74 -10.15 3.09
CA ARG B 77 -29.46 -9.95 1.85
C ARG B 77 -30.81 -9.22 2.04
N GLU B 78 -31.59 -9.65 3.03
CA GLU B 78 -32.85 -8.96 3.34
C GLU B 78 -32.64 -7.47 3.63
N CYS B 79 -31.70 -7.19 4.54
CA CYS B 79 -31.41 -5.81 4.93
C CYS B 79 -31.05 -4.94 3.72
N SER B 80 -30.08 -5.39 2.95
CA SER B 80 -29.63 -4.63 1.80
C SER B 80 -30.73 -4.43 0.76
N LYS B 81 -31.46 -5.50 0.48
CA LYS B 81 -32.48 -5.46 -0.56
C LYS B 81 -33.61 -4.50 -0.16
N LEU B 82 -33.99 -4.48 1.11
CA LEU B 82 -35.00 -3.51 1.49
C LEU B 82 -34.51 -2.07 1.51
N ILE B 83 -33.25 -1.87 1.92
CA ILE B 83 -32.67 -0.53 1.84
C ILE B 83 -32.75 0.00 0.41
N LEU B 84 -32.36 -0.85 -0.55
CA LEU B 84 -32.43 -0.45 -1.95
C LEU B 84 -33.86 -0.28 -2.46
N GLU B 85 -34.77 -1.12 -1.99
CA GLU B 85 -36.16 -0.98 -2.38
C GLU B 85 -36.69 0.39 -1.96
N ILE B 86 -36.21 0.88 -0.82
CA ILE B 86 -36.56 2.23 -0.40
C ILE B 86 -35.88 3.32 -1.24
N LEU B 87 -34.59 3.18 -1.50
CA LEU B 87 -33.87 4.20 -2.26
C LEU B 87 -34.29 4.34 -3.73
N LYS B 88 -34.63 3.22 -4.37
CA LYS B 88 -34.99 3.19 -5.79
C LYS B 88 -36.25 3.98 -6.12
N LYS B 89 -37.16 4.10 -5.16
CA LYS B 89 -38.39 4.84 -5.35
C LYS B 89 -38.15 6.34 -5.46
N ALA C 1 -9.37 -4.58 -25.76
CA ALA C 1 -9.02 -3.57 -24.75
C ALA C 1 -10.21 -3.30 -23.82
N ALA C 2 -11.38 -3.15 -24.42
CA ALA C 2 -12.59 -2.87 -23.66
C ALA C 2 -12.96 -4.03 -22.74
N GLY C 3 -13.27 -3.71 -21.49
CA GLY C 3 -13.65 -4.72 -20.51
C GLY C 3 -12.48 -5.24 -19.68
N ALA C 4 -11.26 -4.92 -20.11
CA ALA C 4 -10.06 -5.43 -19.46
C ALA C 4 -9.85 -4.91 -18.04
N MET C 5 -10.07 -3.61 -17.85
CA MET C 5 -9.89 -3.00 -16.52
C MET C 5 -10.96 -3.49 -15.54
N ALA C 6 -12.21 -3.56 -16.01
CA ALA C 6 -13.29 -4.07 -15.16
C ALA C 6 -13.06 -5.54 -14.82
N TYR C 7 -12.66 -6.32 -15.82
CA TYR C 7 -12.34 -7.73 -15.60
C TYR C 7 -11.26 -7.88 -14.53
N ALA C 8 -10.20 -7.09 -14.66
CA ALA C 8 -9.09 -7.13 -13.71
C ALA C 8 -9.50 -6.73 -12.30
N ALA C 9 -10.31 -5.68 -12.21
CA ALA C 9 -10.78 -5.21 -10.90
C ALA C 9 -11.67 -6.25 -10.23
N VAL C 10 -12.60 -6.84 -11.00
CA VAL C 10 -13.47 -7.86 -10.43
C VAL C 10 -12.65 -9.07 -9.98
N THR C 11 -11.63 -9.43 -10.76
CA THR C 11 -10.72 -10.53 -10.42
C THR C 11 -9.97 -10.26 -9.12
N SER C 12 -9.49 -9.03 -9.00
CA SER C 12 -8.78 -8.61 -7.81
C SER C 12 -9.69 -8.64 -6.58
N LEU C 13 -10.95 -8.24 -6.76
CA LEU C 13 -11.93 -8.28 -5.68
C LEU C 13 -12.22 -9.72 -5.24
N MET C 14 -12.31 -10.62 -6.21
CA MET C 14 -12.51 -12.05 -5.95
C MET C 14 -11.37 -12.58 -5.09
N ARG C 15 -10.14 -12.29 -5.51
CA ARG C 15 -8.95 -12.72 -4.76
C ARG C 15 -8.98 -12.15 -3.35
N THR C 16 -9.37 -10.88 -3.23
CA THR C 16 -9.43 -10.22 -1.93
C THR C 16 -10.44 -10.90 -1.02
N ILE C 17 -11.57 -11.28 -1.61
CA ILE C 17 -12.62 -11.98 -0.88
C ILE C 17 -12.11 -13.32 -0.37
N HIS C 18 -11.42 -14.08 -1.22
CA HIS C 18 -10.82 -15.35 -0.76
C HIS C 18 -9.78 -15.19 0.35
N GLN C 19 -8.95 -14.15 0.25
CA GLN C 19 -7.98 -13.86 1.30
C GLN C 19 -8.68 -13.54 2.62
N SER C 20 -9.76 -12.77 2.51
CA SER C 20 -10.55 -12.44 3.68
C SER C 20 -11.14 -13.71 4.28
N MET C 21 -11.58 -14.64 3.42
CA MET C 21 -12.11 -15.92 3.91
C MET C 21 -11.06 -16.71 4.66
N GLU C 22 -9.84 -16.78 4.12
CA GLU C 22 -8.75 -17.46 4.83
C GLU C 22 -8.48 -16.85 6.19
N LEU C 23 -8.55 -15.52 6.28
CA LEU C 23 -8.25 -14.89 7.56
C LEU C 23 -9.38 -15.00 8.58
N THR C 24 -10.62 -14.84 8.13
CA THR C 24 -11.75 -14.70 9.05
C THR C 24 -12.55 -15.98 9.24
N GLY C 25 -12.54 -16.85 8.24
CA GLY C 25 -13.29 -18.10 8.29
C GLY C 25 -14.73 -17.91 7.89
N CYS C 26 -15.12 -16.67 7.64
CA CYS C 26 -16.46 -16.36 7.19
C CYS C 26 -16.69 -16.94 5.80
N ASP C 27 -17.94 -17.31 5.51
CA ASP C 27 -18.30 -17.87 4.21
C ASP C 27 -18.76 -16.81 3.22
N LEU C 28 -17.83 -16.33 2.40
CA LEU C 28 -18.11 -15.26 1.46
C LEU C 28 -18.20 -15.83 0.05
N GLN C 29 -18.12 -17.15 -0.04
CA GLN C 29 -18.14 -17.85 -1.32
C GLN C 29 -19.31 -17.56 -2.26
N PRO C 30 -20.53 -17.36 -1.72
CA PRO C 30 -21.59 -16.97 -2.66
C PRO C 30 -21.29 -15.65 -3.39
N PHE C 31 -20.70 -14.70 -2.68
CA PHE C 31 -20.31 -13.44 -3.29
C PHE C 31 -19.26 -13.67 -4.36
N TYR C 32 -18.29 -14.53 -4.04
CA TYR C 32 -17.22 -14.90 -4.96
C TYR C 32 -17.79 -15.49 -6.25
N GLU C 33 -18.71 -16.44 -6.10
CA GLU C 33 -19.31 -17.14 -7.21
C GLU C 33 -20.14 -16.21 -8.09
N LYS C 34 -20.90 -15.33 -7.44
CA LYS C 34 -21.70 -14.36 -8.18
C LYS C 34 -20.78 -13.39 -8.93
N LEU C 35 -19.65 -13.03 -8.32
CA LEU C 35 -18.68 -12.16 -8.96
C LEU C 35 -18.08 -12.81 -10.20
N LYS C 36 -17.71 -14.08 -10.08
CA LYS C 36 -17.18 -14.86 -11.21
C LYS C 36 -18.18 -14.88 -12.35
N SER C 37 -19.43 -15.18 -12.00
CA SER C 37 -20.49 -15.25 -13.00
C SER C 37 -20.68 -13.91 -13.70
N LEU C 38 -20.67 -12.82 -12.93
CA LEU C 38 -20.81 -11.49 -13.51
C LEU C 38 -19.63 -11.12 -14.39
N ARG C 39 -18.44 -11.55 -13.99
CA ARG C 39 -17.20 -11.24 -14.68
C ARG C 39 -17.20 -11.88 -16.07
N ALA C 40 -17.83 -13.05 -16.16
CA ALA C 40 -17.92 -13.73 -17.47
C ALA C 40 -18.43 -12.81 -18.58
N ILE C 41 -19.38 -11.92 -18.26
CA ILE C 41 -19.89 -10.98 -19.25
C ILE C 41 -18.77 -10.04 -19.72
N LEU C 42 -18.01 -9.51 -18.76
CA LEU C 42 -16.91 -8.60 -19.07
C LEU C 42 -15.89 -9.29 -19.97
N GLU C 43 -15.66 -10.58 -19.71
CA GLU C 43 -14.70 -11.35 -20.50
C GLU C 43 -15.14 -11.53 -21.97
N LYS C 44 -16.40 -11.19 -22.25
CA LYS C 44 -17.02 -11.45 -23.56
C LYS C 44 -17.17 -12.94 -23.85
N GLU C 53 -18.37 3.77 -26.04
CA GLU C 53 -18.23 4.85 -25.06
C GLU C 53 -19.20 4.72 -23.88
N GLY C 54 -20.43 4.31 -24.15
CA GLY C 54 -21.37 4.08 -23.06
C GLY C 54 -20.88 2.92 -22.21
N LEU C 55 -20.30 1.94 -22.89
CA LEU C 55 -19.73 0.78 -22.22
C LEU C 55 -18.53 1.18 -21.39
N THR C 56 -17.74 2.14 -21.88
CA THR C 56 -16.57 2.60 -21.15
C THR C 56 -17.02 3.23 -19.83
N ILE C 57 -18.13 3.96 -19.87
CA ILE C 57 -18.71 4.58 -18.69
C ILE C 57 -19.16 3.51 -17.68
N LEU C 58 -19.87 2.49 -18.17
CA LEU C 58 -20.26 1.40 -17.29
C LEU C 58 -19.03 0.71 -16.67
N GLU C 59 -17.98 0.58 -17.49
CA GLU C 59 -16.72 -0.02 -17.04
C GLU C 59 -16.08 0.80 -15.93
N VAL C 60 -16.14 2.13 -16.05
CA VAL C 60 -15.65 3.02 -15.01
C VAL C 60 -16.40 2.73 -13.72
N GLU C 61 -17.72 2.60 -13.82
CA GLU C 61 -18.50 2.29 -12.61
C GLU C 61 -18.06 0.99 -11.93
N ILE C 62 -17.87 -0.05 -12.74
CA ILE C 62 -17.42 -1.34 -12.18
C ILE C 62 -16.07 -1.22 -11.51
N VAL C 63 -15.13 -0.57 -12.19
CA VAL C 63 -13.78 -0.39 -11.64
C VAL C 63 -13.82 0.34 -10.30
N GLU C 64 -14.56 1.45 -10.23
CA GLU C 64 -14.67 2.22 -9.00
C GLU C 64 -15.27 1.41 -7.84
N VAL C 65 -16.40 0.76 -8.12
CA VAL C 65 -17.05 -0.04 -7.10
C VAL C 65 -16.16 -1.15 -6.58
N ALA C 66 -15.53 -1.88 -7.50
CA ALA C 66 -14.67 -2.99 -7.15
C ALA C 66 -13.48 -2.54 -6.32
N TYR C 67 -12.82 -1.45 -6.73
CA TYR C 67 -11.65 -1.00 -5.96
C TYR C 67 -12.01 -0.55 -4.55
N THR C 68 -13.08 0.23 -4.44
CA THR C 68 -13.54 0.70 -3.15
C THR C 68 -13.84 -0.48 -2.22
N THR C 69 -14.62 -1.42 -2.76
CA THR C 69 -15.01 -2.60 -2.02
C THR C 69 -13.82 -3.42 -1.57
N GLU C 70 -12.83 -3.53 -2.45
CA GLU C 70 -11.60 -4.25 -2.17
C GLU C 70 -10.89 -3.66 -0.98
N ASP C 71 -10.75 -2.33 -1.02
CA ASP C 71 -10.13 -1.61 0.09
C ASP C 71 -10.88 -1.84 1.40
N MET C 72 -12.21 -1.79 1.34
CA MET C 72 -13.06 -1.99 2.53
C MET C 72 -12.96 -3.41 3.12
N VAL C 73 -12.96 -4.42 2.25
CA VAL C 73 -12.82 -5.81 2.70
C VAL C 73 -11.45 -6.01 3.35
N ASP C 74 -10.40 -5.47 2.72
CA ASP C 74 -9.06 -5.53 3.31
C ASP C 74 -9.03 -4.91 4.70
N SER C 75 -9.59 -3.71 4.80
CA SER C 75 -9.57 -2.94 6.04
C SER C 75 -10.34 -3.67 7.15
N GLU C 76 -11.53 -4.15 6.83
CA GLU C 76 -12.34 -4.84 7.83
C GLU C 76 -11.76 -6.19 8.24
N SER C 77 -11.08 -6.86 7.31
CA SER C 77 -10.38 -8.10 7.66
C SER C 77 -9.26 -7.79 8.66
N ARG C 78 -8.54 -6.69 8.41
CA ARG C 78 -7.55 -6.24 9.38
C ARG C 78 -8.20 -5.92 10.72
N ASN C 79 -9.40 -5.34 10.69
CA ASN C 79 -10.12 -5.06 11.93
C ASN C 79 -10.50 -6.35 12.66
N VAL C 80 -10.76 -7.41 11.90
CA VAL C 80 -11.03 -8.72 12.49
C VAL C 80 -9.78 -9.19 13.21
N PHE C 81 -8.64 -9.05 12.56
CA PHE C 81 -7.37 -9.44 13.19
C PHE C 81 -7.05 -8.61 14.44
N LEU C 82 -7.35 -7.31 14.38
CA LEU C 82 -6.97 -6.41 15.46
C LEU C 82 -7.99 -6.39 16.60
N ALA C 83 -9.11 -7.07 16.39
CA ALA C 83 -10.19 -7.08 17.37
C ALA C 83 -9.72 -7.58 18.73
N GLN C 84 -10.00 -6.82 19.77
CA GLN C 84 -9.58 -7.20 21.12
C GLN C 84 -10.67 -8.00 21.86
N ASN C 85 -11.86 -8.06 21.28
CA ASN C 85 -12.96 -8.87 21.83
C ASN C 85 -13.92 -9.32 20.73
N LEU C 86 -14.89 -10.16 21.09
CA LEU C 86 -15.84 -10.70 20.12
C LEU C 86 -16.77 -9.68 19.49
N GLU C 87 -17.19 -8.66 20.25
CA GLU C 87 -18.11 -7.66 19.71
C GLU C 87 -17.51 -6.90 18.54
N GLU C 88 -16.26 -6.47 18.70
CA GLU C 88 -15.53 -5.74 17.68
C GLU C 88 -15.27 -6.60 16.45
N ARG C 89 -14.87 -7.84 16.71
CA ARG C 89 -14.56 -8.82 15.68
C ARG C 89 -15.78 -9.10 14.83
N SER C 90 -16.89 -9.37 15.51
CA SER C 90 -18.15 -9.69 14.88
C SER C 90 -18.63 -8.48 14.08
N ARG C 91 -18.46 -7.30 14.65
CA ARG C 91 -18.78 -6.07 13.93
C ARG C 91 -18.06 -5.99 12.59
N ALA C 92 -16.76 -6.27 12.60
CA ALA C 92 -15.97 -6.23 11.38
C ALA C 92 -16.43 -7.26 10.34
N MET C 93 -16.70 -8.49 10.81
CA MET C 93 -17.20 -9.52 9.90
C MET C 93 -18.53 -9.12 9.25
N TRP C 94 -19.44 -8.62 10.08
CA TRP C 94 -20.74 -8.18 9.60
C TRP C 94 -20.58 -7.08 8.56
N GLU C 95 -19.63 -6.17 8.80
CA GLU C 95 -19.37 -5.12 7.83
C GLU C 95 -18.94 -5.72 6.50
N ILE C 96 -18.11 -6.75 6.53
CA ILE C 96 -17.71 -7.40 5.28
C ILE C 96 -18.93 -7.92 4.51
N PHE C 97 -19.82 -8.62 5.21
CA PHE C 97 -21.07 -9.08 4.55
C PHE C 97 -21.94 -7.96 3.96
N PHE C 98 -22.18 -6.91 4.75
CA PHE C 98 -23.06 -5.83 4.29
C PHE C 98 -22.47 -5.08 3.08
N VAL C 99 -21.18 -4.77 3.16
CA VAL C 99 -20.54 -4.08 2.05
C VAL C 99 -20.52 -4.95 0.78
N LEU C 100 -20.31 -6.26 0.93
CA LEU C 100 -20.31 -7.15 -0.23
C LEU C 100 -21.72 -7.26 -0.85
N GLU C 101 -22.76 -7.19 -0.02
CA GLU C 101 -24.12 -7.15 -0.57
C GLU C 101 -24.32 -5.91 -1.42
N GLN C 102 -23.91 -4.76 -0.89
CA GLN C 102 -24.02 -3.51 -1.66
C GLN C 102 -23.22 -3.56 -2.98
N ALA C 103 -21.99 -4.03 -2.88
CA ALA C 103 -21.10 -4.11 -4.03
C ALA C 103 -21.66 -5.02 -5.11
N LEU C 104 -22.10 -6.21 -4.72
CA LEU C 104 -22.66 -7.15 -5.69
C LEU C 104 -23.91 -6.63 -6.34
N GLU C 105 -24.76 -5.92 -5.58
CA GLU C 105 -25.91 -5.29 -6.23
C GLU C 105 -25.53 -4.24 -7.26
N CYS C 106 -24.58 -3.36 -6.92
CA CYS C 106 -24.14 -2.34 -7.87
C CYS C 106 -23.54 -2.95 -9.14
N ILE C 107 -22.66 -3.93 -8.95
CA ILE C 107 -22.00 -4.56 -10.08
C ILE C 107 -23.02 -5.31 -10.94
N ASP C 108 -24.01 -5.94 -10.30
CA ASP C 108 -25.08 -6.62 -11.04
C ASP C 108 -25.88 -5.65 -11.90
N SER C 109 -26.27 -4.52 -11.30
CA SER C 109 -27.00 -3.50 -12.06
C SER C 109 -26.20 -3.01 -13.27
N THR C 110 -24.93 -2.70 -13.04
CA THR C 110 -24.09 -2.18 -14.11
C THR C 110 -23.88 -3.21 -15.20
N VAL C 111 -23.72 -4.48 -14.82
CA VAL C 111 -23.50 -5.56 -15.78
C VAL C 111 -24.76 -5.83 -16.61
N LYS C 112 -25.94 -5.70 -15.99
CA LYS C 112 -27.19 -5.82 -16.74
C LYS C 112 -27.31 -4.69 -17.76
N GLN C 113 -26.92 -3.50 -17.34
CA GLN C 113 -26.86 -2.37 -18.28
C GLN C 113 -25.85 -2.63 -19.41
N TRP C 114 -24.74 -3.26 -19.06
CA TRP C 114 -23.70 -3.63 -20.02
C TRP C 114 -24.27 -4.59 -21.06
N MET C 115 -25.02 -5.58 -20.61
CA MET C 115 -25.62 -6.55 -21.52
C MET C 115 -26.64 -5.86 -22.43
N ALA C 116 -27.45 -4.97 -21.85
CA ALA C 116 -28.45 -4.26 -22.64
C ALA C 116 -27.83 -3.36 -23.71
N THR C 117 -26.74 -2.68 -23.37
CA THR C 117 -26.07 -1.79 -24.32
C THR C 117 -25.29 -2.58 -25.37
N SER C 118 -24.67 -3.67 -24.95
CA SER C 118 -23.92 -4.52 -25.86
C SER C 118 -24.84 -5.26 -26.83
N ASP C 119 -26.09 -5.44 -26.44
CA ASP C 119 -27.08 -6.05 -27.32
C ASP C 119 -27.64 -5.05 -28.34
N SER C 120 -27.42 -3.77 -28.10
CA SER C 120 -27.86 -2.74 -29.05
C SER C 120 -26.87 -2.58 -30.19
N ILE D 2 0.47 19.92 -7.64
CA ILE D 2 -0.30 20.71 -8.59
C ILE D 2 -1.39 19.88 -9.29
N LYS D 3 -1.53 20.02 -10.60
CA LYS D 3 -2.54 19.26 -11.33
C LYS D 3 -1.85 18.39 -12.39
N LEU D 4 -1.93 17.08 -12.20
CA LEU D 4 -1.23 16.11 -13.02
C LEU D 4 -2.07 15.59 -14.16
N TRP D 5 -3.39 15.57 -13.97
CA TRP D 5 -4.25 15.01 -14.99
C TRP D 5 -4.66 16.03 -16.05
N PRO D 6 -4.58 15.64 -17.33
CA PRO D 6 -4.10 14.32 -17.77
C PRO D 6 -2.60 14.33 -18.04
N PRO D 7 -1.95 13.16 -17.94
CA PRO D 7 -0.53 13.14 -18.31
C PRO D 7 -0.38 13.37 -19.81
N SER D 8 0.70 14.03 -20.20
CA SER D 8 1.01 14.27 -21.59
C SER D 8 1.33 12.97 -22.30
N GLU D 9 1.36 13.00 -23.62
CA GLU D 9 1.72 11.83 -24.40
C GLU D 9 3.11 11.35 -24.03
N ASN D 10 4.02 12.28 -23.79
CA ASN D 10 5.37 11.93 -23.39
C ASN D 10 5.42 11.25 -22.01
N THR D 11 4.68 11.80 -21.05
CA THR D 11 4.57 11.18 -19.72
C THR D 11 3.96 9.77 -19.81
N ARG D 12 2.91 9.64 -20.62
CA ARG D 12 2.29 8.33 -20.83
C ARG D 12 3.28 7.35 -21.47
N LYS D 13 4.12 7.87 -22.36
CA LYS D 13 5.13 7.05 -23.03
C LYS D 13 6.19 6.60 -22.03
N MET D 14 6.58 7.51 -21.14
CA MET D 14 7.53 7.19 -20.08
C MET D 14 6.96 6.11 -19.19
N LEU D 15 5.67 6.22 -18.88
CA LEU D 15 5.00 5.26 -18.03
C LEU D 15 4.88 3.88 -18.71
N VAL D 16 4.63 3.89 -20.02
CA VAL D 16 4.67 2.65 -20.79
C VAL D 16 6.06 2.00 -20.71
N GLU D 17 7.11 2.84 -20.80
CA GLU D 17 8.48 2.34 -20.69
C GLU D 17 8.73 1.72 -19.32
N ARG D 18 8.35 2.44 -18.28
CA ARG D 18 8.46 1.97 -16.90
C ARG D 18 7.76 0.63 -16.68
N MET D 19 6.55 0.51 -17.23
CA MET D 19 5.76 -0.71 -17.08
C MET D 19 6.39 -1.87 -17.87
N THR D 20 7.00 -1.52 -19.00
CA THR D 20 7.76 -2.49 -19.78
C THR D 20 8.92 -3.02 -18.95
N ASN D 21 9.65 -2.12 -18.29
CA ASN D 21 10.71 -2.55 -17.38
C ASN D 21 10.17 -3.41 -16.24
N ASN D 22 9.02 -3.03 -15.70
CA ASN D 22 8.41 -3.77 -14.59
C ASN D 22 8.14 -5.20 -15.01
N LEU D 23 7.66 -5.39 -16.23
CA LEU D 23 7.37 -6.72 -16.73
C LEU D 23 8.61 -7.50 -17.19
N SER D 24 9.61 -6.78 -17.68
CA SER D 24 10.78 -7.42 -18.28
C SER D 24 11.93 -7.65 -17.31
N SER D 25 12.01 -6.85 -16.26
CA SER D 25 13.12 -6.99 -15.32
C SER D 25 12.67 -6.80 -13.88
N PRO D 26 13.01 -7.76 -13.02
CA PRO D 26 12.54 -7.81 -11.63
C PRO D 26 13.27 -6.82 -10.74
N THR D 27 12.54 -6.22 -9.82
CA THR D 27 13.11 -5.40 -8.76
C THR D 27 12.68 -6.00 -7.43
N ILE D 28 12.92 -5.28 -6.34
CA ILE D 28 12.51 -5.74 -5.03
C ILE D 28 10.99 -5.89 -4.92
N PHE D 29 10.25 -5.16 -5.76
CA PHE D 29 8.79 -5.19 -5.68
C PHE D 29 8.22 -6.40 -6.42
N THR D 30 9.02 -7.00 -7.29
CA THR D 30 8.54 -8.11 -8.12
C THR D 30 9.47 -9.31 -8.09
N ARG D 31 10.31 -9.44 -7.06
CA ARG D 31 11.30 -10.53 -7.04
C ARG D 31 10.65 -11.91 -6.91
N LYS D 32 9.43 -11.95 -6.42
CA LYS D 32 8.71 -13.22 -6.25
C LYS D 32 8.20 -13.79 -7.56
N TYR D 33 8.19 -12.97 -8.61
CA TYR D 33 7.57 -13.39 -9.87
C TYR D 33 8.60 -13.47 -10.99
N ARG D 34 8.28 -14.27 -11.99
CA ARG D 34 9.11 -14.36 -13.20
C ARG D 34 8.80 -13.17 -14.11
N SER D 35 9.60 -13.01 -15.16
CA SER D 35 9.43 -11.88 -16.06
C SER D 35 8.87 -12.29 -17.42
N LEU D 36 8.44 -11.30 -18.18
CA LEU D 36 8.01 -11.52 -19.55
C LEU D 36 9.18 -11.12 -20.44
N SER D 37 9.10 -11.46 -21.73
CA SER D 37 10.10 -10.98 -22.67
C SER D 37 9.82 -9.51 -22.98
N LYS D 38 10.85 -8.78 -23.40
CA LYS D 38 10.72 -7.33 -23.66
C LYS D 38 9.65 -7.05 -24.71
N GLU D 39 9.52 -7.99 -25.64
CA GLU D 39 8.55 -7.89 -26.72
C GLU D 39 7.13 -7.89 -26.17
N GLU D 40 6.79 -8.97 -25.48
CA GLU D 40 5.47 -9.13 -24.91
C GLU D 40 5.25 -8.09 -23.80
N ALA D 41 6.31 -7.78 -23.07
CA ALA D 41 6.27 -6.76 -22.03
C ALA D 41 5.85 -5.41 -22.60
N ALA D 42 6.46 -5.03 -23.71
CA ALA D 42 6.14 -3.76 -24.36
C ALA D 42 4.69 -3.77 -24.83
N LYS D 43 4.28 -4.87 -25.44
CA LYS D 43 2.91 -5.01 -25.92
C LYS D 43 1.88 -4.83 -24.78
N ASN D 44 2.05 -5.62 -23.73
CA ASN D 44 1.16 -5.56 -22.58
C ASN D 44 1.17 -4.20 -21.92
N ALA D 45 2.36 -3.62 -21.78
CA ALA D 45 2.50 -2.30 -21.15
C ALA D 45 1.68 -1.26 -21.90
N GLU D 46 1.79 -1.23 -23.22
CA GLU D 46 1.02 -0.25 -23.97
C GLU D 46 -0.49 -0.50 -23.91
N GLU D 47 -0.90 -1.77 -23.99
CA GLU D 47 -2.33 -2.09 -23.91
C GLU D 47 -2.92 -1.66 -22.57
N ILE D 48 -2.22 -2.01 -21.49
CA ILE D 48 -2.64 -1.68 -20.13
C ILE D 48 -2.73 -0.18 -19.95
N GLU D 49 -1.67 0.52 -20.36
CA GLU D 49 -1.65 1.97 -20.23
C GLU D 49 -2.83 2.60 -20.96
N ASP D 50 -3.10 2.11 -22.17
CA ASP D 50 -4.22 2.64 -22.97
C ASP D 50 -5.59 2.44 -22.31
N ALA D 51 -5.85 1.23 -21.84
CA ALA D 51 -7.12 0.95 -21.18
C ALA D 51 -7.27 1.77 -19.90
N ALA D 52 -6.21 1.76 -19.10
CA ALA D 52 -6.19 2.50 -17.84
C ALA D 52 -6.44 3.98 -18.06
N PHE D 53 -5.77 4.56 -19.06
CA PHE D 53 -5.96 5.97 -19.39
C PHE D 53 -7.39 6.24 -19.77
N THR D 54 -7.95 5.41 -20.64
CA THR D 54 -9.33 5.59 -21.08
C THR D 54 -10.28 5.64 -19.88
N ILE D 55 -10.16 4.65 -19.01
CA ILE D 55 -10.98 4.59 -17.80
C ILE D 55 -10.81 5.81 -16.90
N ALA D 56 -9.56 6.13 -16.59
CA ALA D 56 -9.26 7.21 -15.66
C ALA D 56 -9.72 8.57 -16.17
N ASN D 57 -9.53 8.79 -17.47
CA ASN D 57 -9.94 10.05 -18.10
C ASN D 57 -11.45 10.15 -18.16
N GLN D 58 -12.12 9.05 -18.45
CA GLN D 58 -13.59 9.03 -18.39
C GLN D 58 -14.05 9.39 -16.97
N HIS D 59 -13.36 8.84 -15.98
CA HIS D 59 -13.61 9.18 -14.57
C HIS D 59 -13.44 10.68 -14.34
N TYR D 60 -12.38 11.24 -14.93
CA TYR D 60 -12.07 12.66 -14.76
C TYR D 60 -13.17 13.52 -15.38
N GLU D 61 -13.70 13.11 -16.52
CA GLU D 61 -14.74 13.87 -17.20
C GLU D 61 -16.05 13.89 -16.39
N LYS D 62 -16.27 12.85 -15.59
CA LYS D 62 -17.44 12.80 -14.72
C LYS D 62 -17.21 13.54 -13.42
N GLU D 63 -15.97 13.98 -13.21
CA GLU D 63 -15.61 14.65 -11.98
C GLU D 63 -15.90 16.14 -12.21
N PRO D 64 -16.37 16.84 -11.18
CA PRO D 64 -16.67 18.27 -11.36
C PRO D 64 -15.46 19.19 -11.45
N ASP D 65 -14.76 19.18 -12.60
CA ASP D 65 -13.72 20.18 -12.91
C ASP D 65 -12.70 20.24 -11.77
N GLY D 66 -12.56 19.13 -11.07
CA GLY D 66 -11.61 19.01 -9.96
C GLY D 66 -10.14 19.16 -10.29
N ASP D 67 -9.31 18.62 -9.40
CA ASP D 67 -7.86 18.72 -9.54
C ASP D 67 -7.32 17.52 -10.29
N GLY D 68 -8.17 16.52 -10.49
CA GLY D 68 -7.77 15.31 -11.17
C GLY D 68 -7.07 14.33 -10.25
N SER D 69 -7.08 14.63 -8.96
CA SER D 69 -6.39 13.79 -7.99
C SER D 69 -6.90 12.36 -7.97
N SER D 70 -8.22 12.22 -8.01
CA SER D 70 -8.86 10.90 -8.01
C SER D 70 -8.51 10.18 -9.31
N ALA D 71 -8.39 10.94 -10.39
CA ALA D 71 -8.04 10.37 -11.69
C ALA D 71 -6.60 9.88 -11.72
N VAL D 72 -5.69 10.68 -11.17
CA VAL D 72 -4.29 10.28 -11.06
C VAL D 72 -4.19 9.00 -10.25
N GLN D 73 -4.85 8.99 -9.10
CA GLN D 73 -4.83 7.82 -8.23
C GLN D 73 -5.40 6.57 -8.90
N LEU D 74 -6.55 6.71 -9.55
CA LEU D 74 -7.18 5.58 -10.26
C LEU D 74 -6.30 5.03 -11.39
N TYR D 75 -5.72 5.93 -12.19
CA TYR D 75 -4.80 5.57 -13.26
C TYR D 75 -3.60 4.77 -12.76
N ALA D 76 -2.90 5.32 -11.77
CA ALA D 76 -1.71 4.64 -11.24
C ALA D 76 -2.08 3.28 -10.64
N ARG D 77 -3.20 3.26 -9.93
CA ARG D 77 -3.69 2.01 -9.34
C ARG D 77 -3.99 0.96 -10.42
N GLU D 78 -4.69 1.34 -11.47
CA GLU D 78 -4.99 0.43 -12.58
C GLU D 78 -3.74 -0.16 -13.22
N CYS D 79 -2.80 0.72 -13.58
CA CYS D 79 -1.55 0.28 -14.21
C CYS D 79 -0.80 -0.73 -13.33
N SER D 80 -0.62 -0.36 -12.07
CA SER D 80 0.08 -1.24 -11.14
C SER D 80 -0.63 -2.58 -10.96
N LYS D 81 -1.95 -2.50 -10.79
CA LYS D 81 -2.74 -3.70 -10.53
C LYS D 81 -2.67 -4.68 -11.69
N LEU D 82 -2.74 -4.17 -12.92
CA LEU D 82 -2.65 -5.07 -14.07
C LEU D 82 -1.26 -5.64 -14.29
N ILE D 83 -0.22 -4.82 -14.02
CA ILE D 83 1.14 -5.34 -14.07
C ILE D 83 1.23 -6.56 -13.14
N LEU D 84 0.72 -6.41 -11.92
CA LEU D 84 0.74 -7.55 -11.00
C LEU D 84 -0.15 -8.73 -11.43
N GLU D 85 -1.32 -8.44 -12.01
CA GLU D 85 -2.20 -9.51 -12.45
C GLU D 85 -1.48 -10.36 -13.50
N ILE D 86 -0.64 -9.71 -14.30
CA ILE D 86 0.21 -10.43 -15.25
C ILE D 86 1.37 -11.20 -14.59
N LEU D 87 2.07 -10.57 -13.65
CA LEU D 87 3.20 -11.25 -12.99
C LEU D 87 2.81 -12.42 -12.08
N LYS D 88 1.66 -12.30 -11.41
CA LYS D 88 1.20 -13.33 -10.47
C LYS D 88 0.92 -14.67 -11.15
N LYS D 89 0.60 -14.60 -12.44
CA LYS D 89 0.33 -15.80 -13.23
C LYS D 89 1.60 -16.49 -13.74
N ILE D 90 2.75 -15.87 -13.50
CA ILE D 90 4.02 -16.46 -13.89
C ILE D 90 5.07 -16.31 -12.79
N ALA E 4 8.76 -4.85 15.82
CA ALA E 4 9.32 -3.57 16.27
C ALA E 4 10.08 -2.86 15.14
N MET E 5 10.83 -3.62 14.36
CA MET E 5 11.63 -3.05 13.28
C MET E 5 10.75 -2.60 12.13
N ALA E 6 9.79 -3.45 11.80
CA ALA E 6 8.84 -3.16 10.74
C ALA E 6 8.01 -1.95 11.11
N TYR E 7 7.54 -1.90 12.35
CA TYR E 7 6.76 -0.75 12.81
C TYR E 7 7.55 0.55 12.61
N ALA E 8 8.82 0.54 13.00
CA ALA E 8 9.66 1.72 12.88
C ALA E 8 9.88 2.13 11.42
N ALA E 9 10.14 1.13 10.57
CA ALA E 9 10.36 1.37 9.14
C ALA E 9 9.10 1.91 8.43
N VAL E 10 7.95 1.30 8.70
CA VAL E 10 6.69 1.76 8.12
C VAL E 10 6.38 3.17 8.63
N THR E 11 6.68 3.44 9.90
CA THR E 11 6.49 4.78 10.46
C THR E 11 7.35 5.82 9.74
N SER E 12 8.60 5.46 9.50
CA SER E 12 9.52 6.33 8.79
C SER E 12 9.04 6.57 7.36
N LEU E 13 8.50 5.53 6.75
CA LEU E 13 7.97 5.65 5.39
C LEU E 13 6.78 6.61 5.37
N MET E 14 5.92 6.52 6.39
CA MET E 14 4.77 7.41 6.52
C MET E 14 5.20 8.87 6.63
N ARG E 15 6.12 9.13 7.55
CA ARG E 15 6.61 10.49 7.73
C ARG E 15 7.25 11.01 6.45
N THR E 16 7.96 10.14 5.73
CA THR E 16 8.60 10.52 4.47
C THR E 16 7.56 10.86 3.39
N ILE E 17 6.48 10.09 3.38
CA ILE E 17 5.39 10.35 2.45
C ILE E 17 4.77 11.71 2.76
N HIS E 18 4.55 11.99 4.04
CA HIS E 18 4.03 13.29 4.46
C HIS E 18 4.96 14.44 4.07
N GLN E 19 6.26 14.24 4.25
CA GLN E 19 7.25 15.24 3.85
C GLN E 19 7.20 15.50 2.34
N SER E 20 7.07 14.42 1.58
CA SER E 20 6.95 14.53 0.12
C SER E 20 5.72 15.34 -0.22
N MET E 21 4.64 15.10 0.51
CA MET E 21 3.39 15.84 0.32
C MET E 21 3.55 17.32 0.62
N GLU E 22 4.25 17.62 1.72
CA GLU E 22 4.51 18.99 2.12
C GLU E 22 5.26 19.72 1.01
N LEU E 23 6.20 19.00 0.42
CA LEU E 23 7.07 19.58 -0.60
C LEU E 23 6.41 19.74 -1.96
N THR E 24 5.66 18.73 -2.37
CA THR E 24 5.15 18.65 -3.73
C THR E 24 3.69 19.06 -3.82
N GLY E 25 2.94 18.85 -2.74
CA GLY E 25 1.52 19.14 -2.74
C GLY E 25 0.66 18.02 -3.28
N CYS E 26 1.31 16.96 -3.75
CA CYS E 26 0.58 15.81 -4.28
C CYS E 26 -0.26 15.14 -3.20
N ASP E 27 -1.37 14.53 -3.59
CA ASP E 27 -2.23 13.85 -2.63
C ASP E 27 -1.84 12.37 -2.49
N LEU E 28 -1.00 12.10 -1.50
CA LEU E 28 -0.46 10.77 -1.26
C LEU E 28 -1.15 10.18 -0.04
N GLN E 29 -2.15 10.90 0.47
CA GLN E 29 -2.90 10.50 1.66
C GLN E 29 -3.50 9.07 1.63
N PRO E 30 -4.00 8.62 0.47
CA PRO E 30 -4.44 7.21 0.48
C PRO E 30 -3.32 6.23 0.82
N PHE E 31 -2.13 6.49 0.31
CA PHE E 31 -0.96 5.67 0.61
C PHE E 31 -0.62 5.76 2.11
N TYR E 32 -0.65 6.98 2.64
CA TYR E 32 -0.37 7.20 4.05
C TYR E 32 -1.32 6.45 4.97
N GLU E 33 -2.63 6.59 4.72
CA GLU E 33 -3.63 5.96 5.55
C GLU E 33 -3.59 4.44 5.43
N LYS E 34 -3.40 3.94 4.21
CA LYS E 34 -3.28 2.49 4.04
C LYS E 34 -2.05 1.95 4.77
N LEU E 35 -0.96 2.71 4.74
CA LEU E 35 0.24 2.32 5.47
C LEU E 35 -0.02 2.30 6.96
N LYS E 36 -0.72 3.31 7.46
CA LYS E 36 -1.09 3.41 8.87
C LYS E 36 -1.89 2.19 9.31
N SER E 37 -2.89 1.85 8.52
CA SER E 37 -3.76 0.72 8.80
C SER E 37 -2.95 -0.59 8.81
N LEU E 38 -2.02 -0.72 7.86
CA LEU E 38 -1.15 -1.90 7.82
C LEU E 38 -0.21 -1.95 9.03
N ARG E 39 0.26 -0.77 9.46
CA ARG E 39 1.19 -0.69 10.58
C ARG E 39 0.50 -1.13 11.85
N ALA E 40 -0.80 -0.84 11.95
CA ALA E 40 -1.55 -1.27 13.12
C ALA E 40 -1.40 -2.76 13.39
N ILE E 41 -1.32 -3.55 12.32
CA ILE E 41 -1.13 -4.99 12.43
C ILE E 41 0.18 -5.35 13.12
N LEU E 42 1.26 -4.71 12.66
CA LEU E 42 2.60 -4.94 13.19
C LEU E 42 2.68 -4.59 14.65
N GLU E 43 1.96 -3.54 15.05
CA GLU E 43 1.94 -3.09 16.44
C GLU E 43 1.28 -4.15 17.33
N LYS E 44 0.71 -5.17 16.69
CA LYS E 44 -0.07 -6.23 17.35
C LYS E 44 -1.35 -5.73 18.01
N GLY E 54 9.71 -17.26 11.87
CA GLY E 54 8.93 -17.18 10.64
C GLY E 54 8.40 -15.78 10.39
N LEU E 55 8.04 -15.09 11.46
CA LEU E 55 7.61 -13.69 11.39
C LEU E 55 8.77 -12.77 11.06
N THR E 56 9.95 -13.10 11.59
CA THR E 56 11.15 -12.30 11.41
C THR E 56 11.55 -12.11 9.95
N ILE E 57 11.38 -13.16 9.14
CA ILE E 57 11.67 -13.08 7.71
C ILE E 57 10.76 -12.06 7.01
N LEU E 58 9.47 -12.14 7.31
CA LEU E 58 8.49 -11.20 6.77
C LEU E 58 8.80 -9.78 7.22
N GLU E 59 9.24 -9.65 8.48
CA GLU E 59 9.61 -8.36 9.03
C GLU E 59 10.81 -7.75 8.31
N VAL E 60 11.80 -8.59 8.01
CA VAL E 60 12.98 -8.15 7.24
C VAL E 60 12.52 -7.66 5.88
N GLU E 61 11.62 -8.43 5.27
CA GLU E 61 11.06 -8.08 3.96
C GLU E 61 10.37 -6.70 3.97
N ILE E 62 9.53 -6.48 5.00
CA ILE E 62 8.85 -5.20 5.18
C ILE E 62 9.85 -4.08 5.36
N VAL E 63 10.86 -4.32 6.18
CA VAL E 63 11.93 -3.34 6.41
C VAL E 63 12.63 -2.93 5.11
N GLU E 64 13.03 -3.93 4.34
CA GLU E 64 13.73 -3.70 3.08
C GLU E 64 12.87 -2.88 2.11
N VAL E 65 11.63 -3.32 1.90
CA VAL E 65 10.71 -2.61 1.01
C VAL E 65 10.50 -1.16 1.48
N ALA E 66 10.26 -1.00 2.78
CA ALA E 66 9.99 0.32 3.33
C ALA E 66 11.16 1.30 3.17
N TYR E 67 12.36 0.87 3.55
CA TYR E 67 13.52 1.75 3.43
C TYR E 67 13.85 2.06 1.97
N THR E 68 13.79 1.06 1.11
CA THR E 68 14.04 1.30 -0.32
C THR E 68 13.06 2.31 -0.91
N THR E 69 11.77 2.08 -0.66
CA THR E 69 10.72 2.97 -1.16
C THR E 69 10.94 4.38 -0.61
N GLU E 70 11.30 4.44 0.65
CA GLU E 70 11.57 5.71 1.32
C GLU E 70 12.66 6.48 0.58
N ASP E 71 13.76 5.81 0.26
CA ASP E 71 14.84 6.44 -0.50
C ASP E 71 14.38 6.94 -1.86
N MET E 72 13.58 6.12 -2.55
CA MET E 72 13.06 6.50 -3.86
C MET E 72 12.16 7.74 -3.80
N VAL E 73 11.28 7.78 -2.81
CA VAL E 73 10.37 8.91 -2.61
C VAL E 73 11.13 10.18 -2.26
N ASP E 74 12.12 10.07 -1.37
CA ASP E 74 12.97 11.20 -1.05
C ASP E 74 13.64 11.75 -2.30
N SER E 75 14.21 10.84 -3.08
CA SER E 75 14.94 11.23 -4.28
C SER E 75 14.04 11.93 -5.30
N GLU E 76 12.86 11.35 -5.55
CA GLU E 76 11.96 11.95 -6.51
C GLU E 76 11.37 13.26 -6.00
N SER E 77 11.19 13.39 -4.70
CA SER E 77 10.74 14.66 -4.13
C SER E 77 11.80 15.72 -4.38
N ARG E 78 13.07 15.34 -4.21
CA ARG E 78 14.17 16.23 -4.59
C ARG E 78 14.12 16.57 -6.08
N ASN E 79 13.77 15.60 -6.92
CA ASN E 79 13.64 15.86 -8.34
C ASN E 79 12.54 16.86 -8.66
N VAL E 80 11.48 16.81 -7.86
CA VAL E 80 10.38 17.75 -8.00
C VAL E 80 10.91 19.13 -7.67
N PHE E 81 11.69 19.22 -6.60
CA PHE E 81 12.29 20.52 -6.24
C PHE E 81 13.22 21.05 -7.32
N LEU E 82 14.03 20.18 -7.91
CA LEU E 82 15.05 20.59 -8.86
C LEU E 82 14.55 20.74 -10.29
N ALA E 83 13.29 20.40 -10.52
CA ALA E 83 12.71 20.41 -11.87
C ALA E 83 12.84 21.79 -12.53
N GLN E 84 13.33 21.80 -13.76
CA GLN E 84 13.50 23.06 -14.49
C GLN E 84 12.28 23.44 -15.35
N ASN E 85 11.31 22.53 -15.48
CA ASN E 85 10.07 22.84 -16.18
C ASN E 85 8.91 21.99 -15.63
N LEU E 86 7.69 22.27 -16.08
CA LEU E 86 6.51 21.61 -15.51
C LEU E 86 6.45 20.12 -15.81
N GLU E 87 6.84 19.74 -17.01
CA GLU E 87 6.83 18.33 -17.41
C GLU E 87 7.80 17.48 -16.60
N GLU E 88 9.02 17.96 -16.39
CA GLU E 88 10.01 17.20 -15.62
C GLU E 88 9.54 17.03 -14.16
N ARG E 89 8.96 18.10 -13.62
CA ARG E 89 8.37 18.11 -12.28
C ARG E 89 7.30 17.02 -12.20
N SER E 90 6.42 17.02 -13.21
CA SER E 90 5.31 16.08 -13.28
C SER E 90 5.80 14.65 -13.38
N ARG E 91 6.84 14.43 -14.19
CA ARG E 91 7.42 13.11 -14.32
C ARG E 91 7.88 12.59 -12.96
N ALA E 92 8.54 13.46 -12.20
CA ALA E 92 8.96 13.03 -10.85
C ALA E 92 7.77 12.67 -9.95
N MET E 93 6.74 13.52 -9.97
CA MET E 93 5.53 13.24 -9.18
C MET E 93 4.88 11.91 -9.55
N TRP E 94 4.75 11.67 -10.86
CA TRP E 94 4.17 10.43 -11.37
C TRP E 94 4.96 9.24 -10.87
N GLU E 95 6.29 9.39 -10.87
CA GLU E 95 7.13 8.33 -10.34
C GLU E 95 6.81 8.04 -8.88
N ILE E 96 6.61 9.09 -8.09
CA ILE E 96 6.22 8.89 -6.70
C ILE E 96 4.94 8.06 -6.60
N PHE E 97 3.91 8.43 -7.36
CA PHE E 97 2.66 7.67 -7.36
C PHE E 97 2.84 6.19 -7.74
N PHE E 98 3.56 5.93 -8.84
CA PHE E 98 3.72 4.55 -9.27
C PHE E 98 4.52 3.69 -8.28
N VAL E 99 5.63 4.24 -7.78
CA VAL E 99 6.45 3.49 -6.82
C VAL E 99 5.69 3.23 -5.51
N LEU E 100 4.91 4.20 -5.05
CA LEU E 100 4.11 4.00 -3.84
C LEU E 100 3.02 2.94 -4.09
N GLU E 101 2.50 2.86 -5.30
CA GLU E 101 1.56 1.78 -5.59
C GLU E 101 2.25 0.41 -5.44
N GLN E 102 3.43 0.28 -6.04
CA GLN E 102 4.17 -0.99 -5.92
C GLN E 102 4.48 -1.37 -4.46
N ALA E 103 4.99 -0.39 -3.73
CA ALA E 103 5.36 -0.56 -2.34
C ALA E 103 4.17 -0.97 -1.48
N LEU E 104 3.05 -0.28 -1.65
CA LEU E 104 1.87 -0.58 -0.85
C LEU E 104 1.35 -1.97 -1.13
N GLU E 105 1.39 -2.39 -2.39
CA GLU E 105 0.98 -3.76 -2.69
C GLU E 105 1.90 -4.82 -2.06
N CYS E 106 3.21 -4.61 -2.17
CA CYS E 106 4.17 -5.55 -1.57
C CYS E 106 3.98 -5.68 -0.06
N ILE E 107 3.88 -4.53 0.61
CA ILE E 107 3.70 -4.50 2.05
C ILE E 107 2.36 -5.12 2.44
N ASP E 108 1.32 -4.90 1.63
CA ASP E 108 0.01 -5.53 1.91
C ASP E 108 0.11 -7.04 1.85
N SER E 109 0.72 -7.56 0.79
CA SER E 109 0.89 -9.00 0.63
C SER E 109 1.65 -9.58 1.83
N THR E 110 2.75 -8.91 2.21
CA THR E 110 3.56 -9.39 3.32
C THR E 110 2.82 -9.33 4.66
N VAL E 111 2.02 -8.29 4.87
CA VAL E 111 1.26 -8.16 6.11
C VAL E 111 0.16 -9.21 6.18
N LYS E 112 -0.43 -9.56 5.03
CA LYS E 112 -1.38 -10.66 4.98
C LYS E 112 -0.72 -12.00 5.32
N GLN E 113 0.48 -12.22 4.79
CA GLN E 113 1.26 -13.40 5.19
C GLN E 113 1.54 -13.39 6.69
N TRP E 114 1.84 -12.21 7.22
CA TRP E 114 2.10 -12.01 8.63
C TRP E 114 0.91 -12.42 9.47
N MET E 115 -0.28 -12.00 9.05
CA MET E 115 -1.50 -12.33 9.77
C MET E 115 -1.75 -13.83 9.70
N ALA E 116 -1.56 -14.43 8.53
CA ALA E 116 -1.78 -15.86 8.36
C ALA E 116 -0.84 -16.73 9.21
N THR E 117 0.44 -16.36 9.28
CA THR E 117 1.39 -17.14 10.09
C THR E 117 1.20 -16.89 11.58
N SER E 118 0.91 -15.65 11.94
CA SER E 118 0.70 -15.30 13.35
C SER E 118 -0.57 -15.93 13.91
N ASP E 119 -1.51 -16.25 13.04
CA ASP E 119 -2.71 -16.97 13.45
C ASP E 119 -2.43 -18.47 13.50
N SER E 120 -1.30 -18.85 14.10
CA SER E 120 -0.94 -20.25 14.25
C SER E 120 -0.16 -20.49 15.54
N ALA F 1 -33.24 -14.90 -36.59
CA ALA F 1 -33.87 -16.03 -37.25
C ALA F 1 -33.50 -17.34 -36.57
N ILE F 2 -33.43 -17.30 -35.23
CA ILE F 2 -33.03 -18.47 -34.45
C ILE F 2 -34.14 -19.50 -34.32
N LYS F 3 -33.75 -20.77 -34.32
CA LYS F 3 -34.68 -21.86 -34.13
C LYS F 3 -34.26 -22.74 -32.96
N LEU F 4 -35.07 -22.78 -31.91
CA LEU F 4 -34.67 -23.50 -30.69
C LEU F 4 -35.21 -24.94 -30.62
N TRP F 5 -36.41 -25.16 -31.18
CA TRP F 5 -36.99 -26.51 -31.17
C TRP F 5 -36.66 -27.28 -32.44
N PRO F 6 -36.32 -28.58 -32.30
CA PRO F 6 -36.15 -29.36 -31.07
C PRO F 6 -34.73 -29.36 -30.51
N PRO F 7 -34.59 -29.59 -29.19
CA PRO F 7 -33.28 -29.66 -28.51
C PRO F 7 -32.50 -30.89 -28.99
N SER F 8 -31.18 -30.81 -28.97
CA SER F 8 -30.37 -31.94 -29.38
C SER F 8 -30.58 -33.13 -28.46
N GLU F 9 -30.16 -34.30 -28.92
CA GLU F 9 -30.21 -35.52 -28.12
C GLU F 9 -29.39 -35.36 -26.85
N ASN F 10 -28.24 -34.69 -26.98
CA ASN F 10 -27.36 -34.43 -25.86
C ASN F 10 -28.02 -33.50 -24.83
N THR F 11 -28.69 -32.47 -25.31
CA THR F 11 -29.44 -31.55 -24.45
C THR F 11 -30.51 -32.32 -23.65
N ARG F 12 -31.22 -33.20 -24.34
CA ARG F 12 -32.24 -34.03 -23.69
C ARG F 12 -31.63 -34.97 -22.63
N LYS F 13 -30.43 -35.48 -22.91
CA LYS F 13 -29.75 -36.34 -21.95
C LYS F 13 -29.36 -35.52 -20.72
N MET F 14 -28.89 -34.30 -20.96
CA MET F 14 -28.53 -33.37 -19.90
C MET F 14 -29.74 -33.08 -19.02
N LEU F 15 -30.90 -32.88 -19.65
CA LEU F 15 -32.12 -32.61 -18.88
C LEU F 15 -32.58 -33.82 -18.07
N VAL F 16 -32.42 -35.02 -18.65
CA VAL F 16 -32.69 -36.24 -17.89
C VAL F 16 -31.77 -36.32 -16.66
N GLU F 17 -30.50 -35.94 -16.83
CA GLU F 17 -29.56 -35.91 -15.71
C GLU F 17 -29.97 -34.92 -14.61
N ARG F 18 -30.30 -33.69 -15.05
CA ARG F 18 -30.76 -32.65 -14.14
C ARG F 18 -31.98 -33.09 -13.34
N MET F 19 -32.95 -33.69 -14.02
CA MET F 19 -34.18 -34.13 -13.35
C MET F 19 -33.94 -35.34 -12.45
N THR F 20 -32.99 -36.18 -12.84
CA THR F 20 -32.59 -37.31 -11.99
C THR F 20 -32.07 -36.79 -10.67
N ASN F 21 -31.20 -35.77 -10.75
CA ASN F 21 -30.75 -35.12 -9.53
C ASN F 21 -31.89 -34.49 -8.74
N ASN F 22 -32.81 -33.85 -9.47
CA ASN F 22 -33.97 -33.20 -8.86
C ASN F 22 -34.81 -34.17 -8.04
N LEU F 23 -35.02 -35.37 -8.57
CA LEU F 23 -35.83 -36.40 -7.92
C LEU F 23 -35.10 -37.17 -6.83
N SER F 24 -33.78 -37.31 -6.96
CA SER F 24 -33.01 -38.14 -6.05
C SER F 24 -32.48 -37.35 -4.87
N SER F 25 -32.38 -36.04 -5.06
CA SER F 25 -31.81 -35.16 -4.05
C SER F 25 -32.62 -33.88 -3.94
N PRO F 26 -32.92 -33.47 -2.69
CA PRO F 26 -33.85 -32.37 -2.44
C PRO F 26 -33.24 -31.03 -2.76
N THR F 27 -34.05 -30.10 -3.27
CA THR F 27 -33.61 -28.72 -3.42
C THR F 27 -34.54 -27.89 -2.56
N ILE F 28 -34.42 -26.57 -2.65
CA ILE F 28 -35.28 -25.68 -1.89
C ILE F 28 -36.73 -25.78 -2.39
N PHE F 29 -36.89 -26.19 -3.65
CA PHE F 29 -38.21 -26.27 -4.28
C PHE F 29 -38.96 -27.58 -4.01
N THR F 30 -38.26 -28.61 -3.57
CA THR F 30 -38.90 -29.92 -3.39
C THR F 30 -38.64 -30.53 -2.02
N ARG F 31 -38.22 -29.70 -1.07
CA ARG F 31 -37.90 -30.19 0.27
C ARG F 31 -39.12 -30.65 1.07
N LYS F 32 -40.31 -30.21 0.66
CA LYS F 32 -41.54 -30.63 1.32
C LYS F 32 -41.88 -32.08 1.01
N TYR F 33 -41.20 -32.64 0.01
CA TYR F 33 -41.50 -34.00 -0.40
C TYR F 33 -40.27 -34.84 -0.14
N ARG F 34 -40.46 -36.15 0.01
CA ARG F 34 -39.32 -37.03 0.18
C ARG F 34 -38.66 -37.23 -1.17
N SER F 35 -37.51 -37.89 -1.18
CA SER F 35 -36.75 -38.09 -2.40
C SER F 35 -36.90 -39.53 -2.87
N LEU F 36 -36.49 -39.79 -4.09
CA LEU F 36 -36.48 -41.14 -4.61
C LEU F 36 -35.07 -41.71 -4.52
N SER F 37 -34.97 -43.02 -4.71
CA SER F 37 -33.68 -43.68 -4.81
C SER F 37 -33.12 -43.36 -6.19
N LYS F 38 -31.80 -43.47 -6.33
CA LYS F 38 -31.09 -43.08 -7.54
C LYS F 38 -31.62 -43.83 -8.77
N GLU F 39 -31.96 -45.09 -8.57
CA GLU F 39 -32.49 -45.96 -9.62
C GLU F 39 -33.84 -45.45 -10.11
N GLU F 40 -34.78 -45.34 -9.17
CA GLU F 40 -36.13 -44.88 -9.47
C GLU F 40 -36.09 -43.45 -10.00
N ALA F 41 -35.17 -42.65 -9.46
CA ALA F 41 -34.98 -41.28 -9.93
C ALA F 41 -34.63 -41.27 -11.41
N ALA F 42 -33.67 -42.10 -11.80
CA ALA F 42 -33.25 -42.17 -13.19
C ALA F 42 -34.41 -42.61 -14.10
N LYS F 43 -35.12 -43.66 -13.67
CA LYS F 43 -36.26 -44.17 -14.43
C LYS F 43 -37.34 -43.11 -14.67
N ASN F 44 -37.78 -42.50 -13.57
CA ASN F 44 -38.81 -41.48 -13.64
C ASN F 44 -38.37 -40.28 -14.48
N ALA F 45 -37.11 -39.87 -14.30
CA ALA F 45 -36.56 -38.77 -15.06
C ALA F 45 -36.64 -39.04 -16.57
N GLU F 46 -36.24 -40.25 -16.98
CA GLU F 46 -36.29 -40.56 -18.40
C GLU F 46 -37.73 -40.58 -18.92
N GLU F 47 -38.65 -41.16 -18.15
CA GLU F 47 -40.05 -41.21 -18.57
C GLU F 47 -40.66 -39.81 -18.75
N ILE F 48 -40.47 -38.97 -17.73
CA ILE F 48 -40.98 -37.61 -17.74
C ILE F 48 -40.40 -36.82 -18.89
N GLU F 49 -39.08 -36.89 -19.09
CA GLU F 49 -38.46 -36.17 -20.20
C GLU F 49 -39.07 -36.61 -21.53
N ASP F 50 -39.28 -37.91 -21.69
CA ASP F 50 -39.84 -38.41 -22.94
C ASP F 50 -41.23 -37.84 -23.19
N ALA F 51 -42.07 -37.90 -22.16
CA ALA F 51 -43.42 -37.38 -22.26
C ALA F 51 -43.49 -35.87 -22.51
N ALA F 52 -42.74 -35.12 -21.73
CA ALA F 52 -42.67 -33.67 -21.87
C ALA F 52 -42.21 -33.30 -23.27
N PHE F 53 -41.19 -34.01 -23.76
CA PHE F 53 -40.71 -33.78 -25.12
C PHE F 53 -41.82 -34.05 -26.14
N THR F 54 -42.53 -35.16 -26.00
CA THR F 54 -43.61 -35.46 -26.94
C THR F 54 -44.66 -34.34 -26.98
N ILE F 55 -45.12 -33.94 -25.81
CA ILE F 55 -46.11 -32.87 -25.68
C ILE F 55 -45.63 -31.56 -26.33
N ALA F 56 -44.44 -31.13 -25.94
CA ALA F 56 -43.88 -29.87 -26.43
C ALA F 56 -43.64 -29.90 -27.94
N ASN F 57 -43.20 -31.05 -28.44
CA ASN F 57 -42.94 -31.23 -29.86
C ASN F 57 -44.20 -31.18 -30.69
N GLN F 58 -45.23 -31.84 -30.17
CA GLN F 58 -46.54 -31.82 -30.81
C GLN F 58 -47.07 -30.39 -30.86
N HIS F 59 -46.92 -29.69 -29.75
CA HIS F 59 -47.30 -28.29 -29.66
C HIS F 59 -46.55 -27.46 -30.70
N TYR F 60 -45.26 -27.74 -30.86
CA TYR F 60 -44.43 -27.00 -31.80
C TYR F 60 -44.90 -27.21 -33.23
N GLU F 61 -45.26 -28.46 -33.56
CA GLU F 61 -45.72 -28.82 -34.88
C GLU F 61 -47.07 -28.22 -35.28
N LYS F 62 -47.85 -27.80 -34.28
CA LYS F 62 -49.16 -27.22 -34.56
C LYS F 62 -49.08 -25.75 -34.99
N GLU F 63 -47.89 -25.16 -34.90
CA GLU F 63 -47.76 -23.74 -35.27
C GLU F 63 -46.35 -23.23 -35.58
N PRO F 64 -45.68 -23.83 -36.59
CA PRO F 64 -44.49 -23.16 -37.10
C PRO F 64 -44.99 -22.00 -37.97
N ASP F 65 -44.13 -21.05 -38.35
CA ASP F 65 -42.76 -21.02 -37.92
C ASP F 65 -42.68 -20.08 -36.72
N GLY F 66 -41.61 -20.23 -35.95
CA GLY F 66 -41.34 -19.35 -34.83
C GLY F 66 -39.94 -19.69 -34.36
N ASP F 67 -39.60 -19.30 -33.14
CA ASP F 67 -38.26 -19.56 -32.64
C ASP F 67 -38.26 -20.85 -31.82
N GLY F 68 -39.47 -21.37 -31.57
CA GLY F 68 -39.64 -22.59 -30.79
C GLY F 68 -39.65 -22.33 -29.30
N SER F 69 -39.61 -21.06 -28.91
CA SER F 69 -39.57 -20.67 -27.50
C SER F 69 -40.78 -21.21 -26.72
N SER F 70 -41.96 -21.18 -27.36
CA SER F 70 -43.17 -21.67 -26.72
C SER F 70 -43.07 -23.17 -26.42
N ALA F 71 -42.42 -23.90 -27.32
CA ALA F 71 -42.23 -25.33 -27.13
C ALA F 71 -41.25 -25.60 -25.99
N VAL F 72 -40.18 -24.83 -25.95
CA VAL F 72 -39.21 -24.94 -24.85
C VAL F 72 -39.93 -24.71 -23.53
N GLN F 73 -40.72 -23.66 -23.46
CA GLN F 73 -41.48 -23.36 -22.24
C GLN F 73 -42.45 -24.47 -21.84
N LEU F 74 -43.20 -25.00 -22.80
CA LEU F 74 -44.12 -26.10 -22.51
C LEU F 74 -43.35 -27.34 -22.01
N TYR F 75 -42.23 -27.62 -22.65
CA TYR F 75 -41.32 -28.71 -22.28
C TYR F 75 -40.86 -28.58 -20.81
N ALA F 76 -40.37 -27.40 -20.44
CA ALA F 76 -39.94 -27.16 -19.06
C ALA F 76 -41.11 -27.28 -18.07
N ARG F 77 -42.25 -26.75 -18.49
CA ARG F 77 -43.49 -26.78 -17.71
C ARG F 77 -43.97 -28.19 -17.40
N GLU F 78 -44.06 -29.02 -18.43
CA GLU F 78 -44.42 -30.43 -18.29
C GLU F 78 -43.45 -31.15 -17.38
N CYS F 79 -42.15 -30.93 -17.59
CA CYS F 79 -41.15 -31.55 -16.72
C CYS F 79 -41.47 -31.23 -15.25
N SER F 80 -41.68 -29.95 -14.97
CA SER F 80 -41.97 -29.53 -13.60
C SER F 80 -43.25 -30.17 -13.04
N LYS F 81 -44.30 -30.19 -13.85
CA LYS F 81 -45.58 -30.73 -13.42
C LYS F 81 -45.53 -32.22 -13.12
N LEU F 82 -44.84 -32.98 -13.96
CA LEU F 82 -44.72 -34.43 -13.75
C LEU F 82 -43.84 -34.79 -12.58
N ILE F 83 -42.75 -34.03 -12.43
CA ILE F 83 -41.90 -34.20 -11.26
C ILE F 83 -42.76 -34.01 -10.02
N LEU F 84 -43.59 -32.96 -10.06
CA LEU F 84 -44.43 -32.64 -8.93
C LEU F 84 -45.46 -33.73 -8.66
N GLU F 85 -46.06 -34.29 -9.71
CA GLU F 85 -47.03 -35.36 -9.54
C GLU F 85 -46.40 -36.60 -8.91
N ILE F 86 -45.15 -36.90 -9.25
CA ILE F 86 -44.47 -38.01 -8.57
C ILE F 86 -44.13 -37.70 -7.11
N LEU F 87 -43.62 -36.49 -6.85
CA LEU F 87 -43.23 -36.10 -5.50
C LEU F 87 -44.42 -35.98 -4.53
N LYS F 88 -45.57 -35.57 -5.07
CA LYS F 88 -46.78 -35.34 -4.31
C LYS F 88 -47.30 -36.60 -3.63
N LYS F 89 -46.95 -37.76 -4.17
CA LYS F 89 -47.39 -39.03 -3.62
C LYS F 89 -46.53 -39.47 -2.43
N ILE F 90 -45.47 -38.72 -2.17
CA ILE F 90 -44.58 -39.00 -1.03
C ILE F 90 -44.11 -37.75 -0.27
N PRO F 91 -45.05 -36.98 0.31
CA PRO F 91 -44.62 -35.78 1.05
C PRO F 91 -43.85 -36.15 2.31
N ALA G 2 -45.76 -8.12 9.61
CA ALA G 2 -45.73 -9.47 9.05
C ALA G 2 -46.10 -9.44 7.57
N GLY G 3 -45.45 -10.29 6.79
CA GLY G 3 -45.68 -10.32 5.35
C GLY G 3 -44.79 -9.35 4.59
N ALA G 4 -44.11 -8.45 5.32
CA ALA G 4 -43.31 -7.40 4.70
C ALA G 4 -42.09 -7.93 3.95
N MET G 5 -41.39 -8.87 4.55
CA MET G 5 -40.18 -9.45 3.94
C MET G 5 -40.55 -10.30 2.74
N ALA G 6 -41.62 -11.08 2.86
CA ALA G 6 -42.10 -11.87 1.75
C ALA G 6 -42.57 -10.95 0.60
N TYR G 7 -43.30 -9.90 0.95
CA TYR G 7 -43.76 -8.93 -0.04
C TYR G 7 -42.57 -8.35 -0.79
N ALA G 8 -41.54 -7.95 -0.06
CA ALA G 8 -40.35 -7.38 -0.67
C ALA G 8 -39.59 -8.37 -1.56
N ALA G 9 -39.45 -9.60 -1.08
CA ALA G 9 -38.74 -10.63 -1.84
C ALA G 9 -39.48 -10.96 -3.14
N VAL G 10 -40.79 -11.13 -3.05
CA VAL G 10 -41.58 -11.39 -4.24
C VAL G 10 -41.52 -10.21 -5.21
N THR G 11 -41.54 -8.99 -4.68
CA THR G 11 -41.42 -7.79 -5.52
C THR G 11 -40.09 -7.77 -6.28
N SER G 12 -39.04 -8.12 -5.56
CA SER G 12 -37.69 -8.17 -6.14
C SER G 12 -37.62 -9.21 -7.24
N LEU G 13 -38.27 -10.35 -7.01
CA LEU G 13 -38.33 -11.42 -8.00
C LEU G 13 -39.09 -10.99 -9.25
N MET G 14 -40.17 -10.22 -9.05
CA MET G 14 -40.94 -9.68 -10.16
C MET G 14 -40.04 -8.78 -11.02
N ARG G 15 -39.36 -7.85 -10.36
CA ARG G 15 -38.46 -6.93 -11.06
C ARG G 15 -37.39 -7.69 -11.83
N THR G 16 -36.87 -8.74 -11.20
CA THR G 16 -35.84 -9.59 -11.81
C THR G 16 -36.39 -10.28 -13.05
N ILE G 17 -37.63 -10.74 -12.96
CA ILE G 17 -38.30 -11.38 -14.09
C ILE G 17 -38.43 -10.43 -15.27
N HIS G 18 -38.87 -9.20 -15.00
CA HIS G 18 -38.95 -8.21 -16.09
C HIS G 18 -37.58 -7.93 -16.70
N GLN G 19 -36.54 -7.87 -15.86
CA GLN G 19 -35.18 -7.69 -16.38
C GLN G 19 -34.78 -8.85 -17.30
N SER G 20 -35.13 -10.07 -16.88
CA SER G 20 -34.82 -11.25 -17.68
C SER G 20 -35.56 -11.20 -19.00
N MET G 21 -36.79 -10.71 -18.98
CA MET G 21 -37.60 -10.58 -20.20
C MET G 21 -36.98 -9.61 -21.18
N GLU G 22 -36.54 -8.46 -20.68
CA GLU G 22 -35.86 -7.48 -21.52
C GLU G 22 -34.59 -8.04 -22.13
N LEU G 23 -33.83 -8.81 -21.34
CA LEU G 23 -32.56 -9.34 -21.85
C LEU G 23 -32.70 -10.53 -22.80
N THR G 24 -33.58 -11.47 -22.48
CA THR G 24 -33.62 -12.75 -23.16
C THR G 24 -34.74 -12.79 -24.18
N GLY G 25 -35.78 -11.99 -23.95
CA GLY G 25 -36.93 -12.02 -24.82
C GLY G 25 -37.93 -13.09 -24.45
N CYS G 26 -37.62 -13.88 -23.41
CA CYS G 26 -38.51 -14.94 -22.96
C CYS G 26 -39.86 -14.40 -22.50
N ASP G 27 -40.90 -15.21 -22.67
CA ASP G 27 -42.24 -14.83 -22.26
C ASP G 27 -42.49 -15.26 -20.83
N LEU G 28 -42.18 -14.37 -19.89
CA LEU G 28 -42.30 -14.69 -18.47
C LEU G 28 -43.43 -13.93 -17.81
N GLN G 29 -44.16 -13.12 -18.57
CA GLN G 29 -45.24 -12.30 -18.02
C GLN G 29 -46.33 -13.05 -17.21
N PRO G 30 -46.70 -14.27 -17.65
CA PRO G 30 -47.64 -15.01 -16.80
C PRO G 30 -47.11 -15.28 -15.39
N PHE G 31 -45.81 -15.57 -15.29
CA PHE G 31 -45.17 -15.76 -13.99
C PHE G 31 -45.24 -14.47 -13.18
N TYR G 32 -44.97 -13.35 -13.84
CA TYR G 32 -45.03 -12.04 -13.20
C TYR G 32 -46.42 -11.77 -12.62
N GLU G 33 -47.46 -11.98 -13.43
CA GLU G 33 -48.83 -11.71 -13.03
C GLU G 33 -49.28 -12.63 -11.91
N LYS G 34 -48.90 -13.90 -12.00
CA LYS G 34 -49.23 -14.85 -10.95
C LYS G 34 -48.50 -14.48 -9.65
N LEU G 35 -47.27 -13.99 -9.77
CA LEU G 35 -46.52 -13.55 -8.59
C LEU G 35 -47.18 -12.36 -7.93
N LYS G 36 -47.61 -11.39 -8.75
CA LYS G 36 -48.32 -10.22 -8.25
C LYS G 36 -49.62 -10.62 -7.52
N SER G 37 -50.38 -11.52 -8.15
CA SER G 37 -51.62 -11.99 -7.57
C SER G 37 -51.37 -12.67 -6.22
N LEU G 38 -50.33 -13.50 -6.16
CA LEU G 38 -49.97 -14.16 -4.92
C LEU G 38 -49.52 -13.15 -3.87
N ARG G 39 -48.84 -12.11 -4.32
CA ARG G 39 -48.31 -11.08 -3.43
C ARG G 39 -49.43 -10.30 -2.76
N ALA G 40 -50.53 -10.11 -3.47
CA ALA G 40 -51.68 -9.39 -2.91
C ALA G 40 -52.14 -9.93 -1.55
N ILE G 41 -52.08 -11.24 -1.39
CA ILE G 41 -52.44 -11.88 -0.12
C ILE G 41 -51.54 -11.47 1.04
N LEU G 42 -50.24 -11.45 0.78
CA LEU G 42 -49.25 -11.11 1.81
C LEU G 42 -49.50 -9.71 2.35
N GLU G 43 -49.81 -8.78 1.44
CA GLU G 43 -50.05 -7.40 1.82
C GLU G 43 -51.31 -7.27 2.68
N HIS G 52 -47.31 -13.68 14.94
CA HIS G 52 -47.75 -15.04 14.66
C HIS G 52 -46.61 -15.89 14.12
N GLU G 53 -46.38 -17.03 14.76
CA GLU G 53 -45.24 -17.90 14.48
C GLU G 53 -45.36 -18.79 13.23
N GLY G 54 -46.53 -19.40 13.04
CA GLY G 54 -46.74 -20.23 11.86
C GLY G 54 -46.69 -19.45 10.56
N LEU G 55 -47.24 -18.24 10.62
CA LEU G 55 -47.21 -17.35 9.48
C LEU G 55 -45.77 -16.93 9.20
N THR G 56 -45.00 -16.70 10.28
CA THR G 56 -43.62 -16.33 10.12
C THR G 56 -42.83 -17.43 9.43
N ILE G 57 -43.11 -18.68 9.80
CA ILE G 57 -42.44 -19.82 9.14
C ILE G 57 -42.78 -19.86 7.65
N LEU G 58 -44.06 -19.68 7.33
CA LEU G 58 -44.46 -19.66 5.93
C LEU G 58 -43.76 -18.52 5.17
N GLU G 59 -43.64 -17.37 5.84
CA GLU G 59 -42.97 -16.21 5.25
C GLU G 59 -41.51 -16.53 4.97
N VAL G 60 -40.87 -17.25 5.88
CA VAL G 60 -39.49 -17.67 5.67
C VAL G 60 -39.41 -18.51 4.39
N GLU G 61 -40.34 -19.44 4.25
CA GLU G 61 -40.38 -20.28 3.05
C GLU G 61 -40.46 -19.46 1.77
N ILE G 62 -41.37 -18.47 1.76
CA ILE G 62 -41.52 -17.59 0.60
C ILE G 62 -40.27 -16.74 0.32
N VAL G 63 -39.70 -16.12 1.35
CA VAL G 63 -38.50 -15.31 1.20
C VAL G 63 -37.35 -16.11 0.60
N GLU G 64 -37.10 -17.28 1.18
CA GLU G 64 -36.03 -18.16 0.70
C GLU G 64 -36.25 -18.56 -0.76
N VAL G 65 -37.45 -19.05 -1.06
CA VAL G 65 -37.75 -19.46 -2.43
C VAL G 65 -37.55 -18.31 -3.42
N ALA G 66 -38.08 -17.13 -3.08
CA ALA G 66 -37.99 -15.97 -3.96
C ALA G 66 -36.56 -15.53 -4.22
N TYR G 67 -35.75 -15.45 -3.17
CA TYR G 67 -34.36 -15.04 -3.34
C TYR G 67 -33.55 -16.04 -4.16
N THR G 68 -33.75 -17.32 -3.85
CA THR G 68 -33.06 -18.38 -4.60
C THR G 68 -33.40 -18.33 -6.08
N THR G 69 -34.70 -18.23 -6.35
CA THR G 69 -35.21 -18.16 -7.71
C THR G 69 -34.64 -16.96 -8.41
N GLU G 70 -34.56 -15.84 -7.70
CA GLU G 70 -34.02 -14.60 -8.24
C GLU G 70 -32.58 -14.79 -8.71
N ASP G 71 -31.76 -15.39 -7.85
CA ASP G 71 -30.36 -15.65 -8.22
C ASP G 71 -30.26 -16.54 -9.45
N MET G 72 -31.09 -17.57 -9.49
CA MET G 72 -31.10 -18.51 -10.62
C MET G 72 -31.53 -17.87 -11.94
N VAL G 73 -32.57 -17.04 -11.90
CA VAL G 73 -33.04 -16.34 -13.08
C VAL G 73 -31.98 -15.37 -13.59
N ASP G 74 -31.36 -14.62 -12.68
CA ASP G 74 -30.24 -13.74 -13.05
C ASP G 74 -29.10 -14.50 -13.73
N SER G 75 -28.72 -15.62 -13.13
CA SER G 75 -27.61 -16.42 -13.63
C SER G 75 -27.89 -17.01 -15.02
N GLU G 76 -29.07 -17.60 -15.17
CA GLU G 76 -29.43 -18.22 -16.45
C GLU G 76 -29.67 -17.19 -17.55
N SER G 77 -30.14 -16.01 -17.17
CA SER G 77 -30.24 -14.91 -18.13
C SER G 77 -28.85 -14.52 -18.60
N ARG G 78 -27.89 -14.48 -17.66
CA ARG G 78 -26.51 -14.25 -18.07
C ARG G 78 -26.07 -15.35 -19.05
N ASN G 79 -26.49 -16.58 -18.79
CA ASN G 79 -26.18 -17.70 -19.70
C ASN G 79 -26.80 -17.55 -21.08
N VAL G 80 -27.99 -16.93 -21.15
CA VAL G 80 -28.60 -16.64 -22.44
C VAL G 80 -27.73 -15.61 -23.15
N PHE G 81 -27.29 -14.59 -22.44
CA PHE G 81 -26.42 -13.58 -23.05
C PHE G 81 -25.10 -14.18 -23.56
N LEU G 82 -24.53 -15.10 -22.79
CA LEU G 82 -23.24 -15.68 -23.13
C LEU G 82 -23.32 -16.87 -24.09
N ALA G 83 -24.53 -17.29 -24.43
CA ALA G 83 -24.71 -18.49 -25.24
C ALA G 83 -23.95 -18.41 -26.56
N GLN G 84 -23.09 -19.40 -26.79
CA GLN G 84 -22.30 -19.46 -28.01
C GLN G 84 -23.00 -20.25 -29.10
N ASN G 85 -24.07 -20.95 -28.71
CA ASN G 85 -24.86 -21.73 -29.66
C ASN G 85 -26.31 -21.92 -29.22
N LEU G 86 -27.10 -22.57 -30.07
CA LEU G 86 -28.52 -22.77 -29.84
C LEU G 86 -28.81 -23.66 -28.64
N GLU G 87 -27.96 -24.67 -28.43
CA GLU G 87 -28.15 -25.60 -27.33
C GLU G 87 -27.97 -24.87 -25.98
N GLU G 88 -26.91 -24.05 -25.87
CA GLU G 88 -26.67 -23.35 -24.60
C GLU G 88 -27.83 -22.41 -24.32
N ARG G 89 -28.29 -21.75 -25.38
CA ARG G 89 -29.39 -20.81 -25.29
C ARG G 89 -30.70 -21.48 -24.83
N SER G 90 -31.06 -22.57 -25.50
CA SER G 90 -32.29 -23.29 -25.16
C SER G 90 -32.23 -23.91 -23.78
N ARG G 91 -31.07 -24.46 -23.41
CA ARG G 91 -30.88 -25.00 -22.06
C ARG G 91 -31.08 -23.94 -20.99
N ALA G 92 -30.49 -22.77 -21.21
CA ALA G 92 -30.61 -21.67 -20.26
C ALA G 92 -32.06 -21.21 -20.15
N MET G 93 -32.73 -21.09 -21.29
CA MET G 93 -34.15 -20.72 -21.32
C MET G 93 -35.00 -21.74 -20.57
N TRP G 94 -34.71 -23.01 -20.83
CA TRP G 94 -35.41 -24.11 -20.18
C TRP G 94 -35.23 -24.01 -18.68
N GLU G 95 -34.00 -23.71 -18.27
CA GLU G 95 -33.69 -23.62 -16.86
C GLU G 95 -34.52 -22.50 -16.24
N ILE G 96 -34.63 -21.38 -16.95
CA ILE G 96 -35.45 -20.26 -16.47
C ILE G 96 -36.93 -20.63 -16.28
N PHE G 97 -37.53 -21.22 -17.32
CA PHE G 97 -38.93 -21.63 -17.24
C PHE G 97 -39.16 -22.64 -16.13
N PHE G 98 -38.26 -23.62 -16.04
CA PHE G 98 -38.36 -24.70 -15.06
C PHE G 98 -38.27 -24.20 -13.62
N VAL G 99 -37.27 -23.35 -13.36
CA VAL G 99 -37.10 -22.80 -12.02
C VAL G 99 -38.28 -21.93 -11.64
N LEU G 100 -38.78 -21.16 -12.60
CA LEU G 100 -39.93 -20.29 -12.33
C LEU G 100 -41.21 -21.09 -12.06
N GLU G 101 -41.40 -22.18 -12.79
CA GLU G 101 -42.54 -23.06 -12.55
C GLU G 101 -42.45 -23.67 -11.14
N GLN G 102 -41.26 -24.16 -10.78
CA GLN G 102 -41.04 -24.72 -9.45
C GLN G 102 -41.30 -23.72 -8.31
N ALA G 103 -40.72 -22.52 -8.49
CA ALA G 103 -40.84 -21.46 -7.51
C ALA G 103 -42.29 -21.07 -7.31
N LEU G 104 -43.00 -20.90 -8.41
CA LEU G 104 -44.41 -20.51 -8.32
C LEU G 104 -45.24 -21.62 -7.72
N GLU G 105 -44.88 -22.87 -7.95
CA GLU G 105 -45.62 -23.98 -7.31
C GLU G 105 -45.45 -23.88 -5.78
N CYS G 106 -44.21 -23.67 -5.33
CA CYS G 106 -43.92 -23.51 -3.90
C CYS G 106 -44.63 -22.32 -3.26
N ILE G 107 -44.53 -21.17 -3.91
CA ILE G 107 -45.13 -19.95 -3.39
C ILE G 107 -46.65 -20.09 -3.34
N ASP G 108 -47.23 -20.71 -4.37
CA ASP G 108 -48.67 -20.97 -4.37
C ASP G 108 -49.09 -21.86 -3.21
N SER G 109 -48.35 -22.96 -3.01
CA SER G 109 -48.65 -23.85 -1.89
C SER G 109 -48.57 -23.11 -0.53
N THR G 110 -47.50 -22.34 -0.36
CA THR G 110 -47.27 -21.61 0.88
C THR G 110 -48.34 -20.56 1.14
N VAL G 111 -48.73 -19.84 0.08
CA VAL G 111 -49.75 -18.79 0.21
C VAL G 111 -51.10 -19.42 0.50
N LYS G 112 -51.36 -20.60 -0.05
CA LYS G 112 -52.60 -21.30 0.31
C LYS G 112 -52.61 -21.67 1.78
N GLN G 113 -51.48 -22.14 2.30
CA GLN G 113 -51.38 -22.37 3.75
C GLN G 113 -51.58 -21.08 4.54
N TRP G 114 -51.03 -19.99 4.02
CA TRP G 114 -51.13 -18.67 4.63
C TRP G 114 -52.59 -18.26 4.74
N MET G 115 -53.33 -18.49 3.66
CA MET G 115 -54.74 -18.16 3.58
C MET G 115 -55.55 -19.01 4.55
N ALA G 116 -55.25 -20.30 4.60
CA ALA G 116 -55.95 -21.20 5.50
C ALA G 116 -55.73 -20.79 6.96
N THR G 117 -54.50 -20.37 7.27
CA THR G 117 -54.14 -19.97 8.63
C THR G 117 -54.76 -18.62 8.99
N SER G 118 -54.76 -17.69 8.03
CA SER G 118 -55.33 -16.37 8.25
C SER G 118 -56.86 -16.41 8.32
N ASP G 119 -57.46 -17.43 7.71
CA ASP G 119 -58.90 -17.64 7.79
C ASP G 119 -59.23 -18.35 9.10
N SER G 120 -58.20 -18.89 9.74
CA SER G 120 -58.33 -19.49 11.07
C SER G 120 -58.39 -18.34 12.07
N MET G 121 -58.42 -17.12 11.54
CA MET G 121 -58.66 -15.90 12.30
C MET G 121 -57.57 -15.60 13.32
N ALA H 4 26.87 27.96 -1.03
CA ALA H 4 28.21 27.76 -1.57
C ALA H 4 29.12 27.05 -0.56
N MET H 5 29.05 27.48 0.70
CA MET H 5 29.86 26.90 1.76
C MET H 5 29.37 25.48 2.06
N ALA H 6 28.06 25.32 2.08
CA ALA H 6 27.45 24.02 2.31
C ALA H 6 27.83 23.05 1.19
N TYR H 7 27.75 23.52 -0.05
CA TYR H 7 28.14 22.71 -1.20
C TYR H 7 29.58 22.23 -1.06
N ALA H 8 30.46 23.15 -0.68
CA ALA H 8 31.87 22.83 -0.52
C ALA H 8 32.11 21.81 0.61
N ALA H 9 31.45 22.02 1.74
CA ALA H 9 31.58 21.13 2.88
C ALA H 9 31.08 19.72 2.59
N VAL H 10 29.90 19.63 1.97
CA VAL H 10 29.34 18.33 1.61
C VAL H 10 30.23 17.65 0.58
N THR H 11 30.76 18.44 -0.35
CA THR H 11 31.70 17.91 -1.36
C THR H 11 32.93 17.34 -0.68
N SER H 12 33.38 18.03 0.37
CA SER H 12 34.52 17.59 1.16
C SER H 12 34.20 16.26 1.86
N LEU H 13 32.97 16.13 2.37
CA LEU H 13 32.55 14.88 3.01
C LEU H 13 32.52 13.74 1.99
N MET H 14 32.07 14.05 0.77
CA MET H 14 32.03 13.09 -0.33
C MET H 14 33.43 12.57 -0.71
N ARG H 15 34.34 13.51 -0.97
CA ARG H 15 35.71 13.15 -1.33
C ARG H 15 36.35 12.33 -0.20
N THR H 16 36.05 12.73 1.03
CA THR H 16 36.56 12.00 2.20
C THR H 16 36.00 10.58 2.24
N ILE H 17 34.73 10.43 1.90
CA ILE H 17 34.09 9.12 1.85
C ILE H 17 34.77 8.23 0.81
N HIS H 18 35.04 8.78 -0.37
CA HIS H 18 35.77 8.02 -1.38
C HIS H 18 37.18 7.61 -0.89
N GLN H 19 37.87 8.53 -0.20
CA GLN H 19 39.18 8.21 0.36
C GLN H 19 39.11 7.07 1.38
N SER H 20 38.08 7.11 2.22
CA SER H 20 37.84 6.05 3.20
C SER H 20 37.59 4.74 2.49
N MET H 21 36.89 4.80 1.35
CA MET H 21 36.62 3.61 0.57
C MET H 21 37.91 2.99 0.04
N GLU H 22 38.80 3.82 -0.51
CA GLU H 22 40.10 3.29 -0.96
C GLU H 22 40.93 2.73 0.19
N LEU H 23 40.89 3.37 1.35
CA LEU H 23 41.73 2.93 2.46
C LEU H 23 41.20 1.66 3.15
N THR H 24 39.88 1.59 3.32
CA THR H 24 39.27 0.53 4.13
C THR H 24 38.65 -0.60 3.31
N GLY H 25 38.19 -0.28 2.10
CA GLY H 25 37.53 -1.26 1.26
C GLY H 25 36.04 -1.37 1.55
N CYS H 26 35.58 -0.61 2.55
CA CYS H 26 34.17 -0.61 2.91
C CYS H 26 33.32 -0.08 1.75
N ASP H 27 32.08 -0.54 1.66
CA ASP H 27 31.18 -0.09 0.61
C ASP H 27 30.38 1.11 1.08
N LEU H 28 30.89 2.31 0.78
CA LEU H 28 30.25 3.54 1.24
C LEU H 28 29.58 4.28 0.07
N GLN H 29 29.65 3.70 -1.12
CA GLN H 29 29.11 4.34 -2.31
C GLN H 29 27.64 4.80 -2.23
N PRO H 30 26.75 4.01 -1.58
CA PRO H 30 25.38 4.51 -1.40
C PRO H 30 25.32 5.82 -0.61
N PHE H 31 26.15 5.94 0.41
CA PHE H 31 26.25 7.16 1.20
C PHE H 31 26.69 8.32 0.33
N TYR H 32 27.71 8.05 -0.49
CA TYR H 32 28.25 9.01 -1.44
C TYR H 32 27.15 9.50 -2.36
N GLU H 33 26.37 8.56 -2.89
CA GLU H 33 25.30 8.87 -3.83
C GLU H 33 24.20 9.69 -3.19
N LYS H 34 23.81 9.30 -1.98
CA LYS H 34 22.76 10.01 -1.26
C LYS H 34 23.21 11.44 -0.96
N LEU H 35 24.50 11.58 -0.65
CA LEU H 35 25.10 12.89 -0.41
C LEU H 35 25.14 13.77 -1.64
N LYS H 36 25.55 13.19 -2.78
CA LYS H 36 25.58 13.91 -4.04
C LYS H 36 24.18 14.42 -4.37
N SER H 37 23.22 13.52 -4.22
CA SER H 37 21.81 13.81 -4.50
C SER H 37 21.32 14.94 -3.60
N LEU H 38 21.67 14.89 -2.32
CA LEU H 38 21.29 15.96 -1.39
C LEU H 38 21.98 17.29 -1.72
N ARG H 39 23.24 17.20 -2.16
CA ARG H 39 24.06 18.36 -2.48
C ARG H 39 23.48 19.12 -3.66
N ALA H 40 22.88 18.38 -4.59
CA ALA H 40 22.25 19.02 -5.74
C ALA H 40 21.28 20.14 -5.34
N ILE H 41 20.60 19.97 -4.20
CA ILE H 41 19.68 20.98 -3.69
C ILE H 41 20.36 22.31 -3.37
N LEU H 42 21.51 22.20 -2.69
CA LEU H 42 22.29 23.36 -2.24
C LEU H 42 22.76 24.24 -3.40
N GLU H 43 23.10 23.59 -4.50
CA GLU H 43 23.62 24.24 -5.69
C GLU H 43 22.61 25.19 -6.33
N GLU H 53 18.65 34.80 4.83
CA GLU H 53 19.22 34.74 6.18
C GLU H 53 18.78 33.46 6.90
N GLY H 54 17.52 33.09 6.72
CA GLY H 54 17.02 31.85 7.27
C GLY H 54 17.71 30.67 6.63
N LEU H 55 17.99 30.80 5.34
CA LEU H 55 18.73 29.79 4.58
C LEU H 55 20.17 29.71 5.06
N THR H 56 20.72 30.87 5.43
CA THR H 56 22.10 30.99 5.88
C THR H 56 22.39 30.14 7.13
N ILE H 57 21.43 30.10 8.05
CA ILE H 57 21.56 29.28 9.26
C ILE H 57 21.69 27.80 8.89
N LEU H 58 20.81 27.37 7.98
CA LEU H 58 20.82 26.01 7.49
C LEU H 58 22.15 25.69 6.82
N GLU H 59 22.69 26.67 6.10
CA GLU H 59 23.99 26.53 5.45
C GLU H 59 25.08 26.29 6.49
N VAL H 60 25.01 27.06 7.56
CA VAL H 60 25.96 26.91 8.67
C VAL H 60 25.90 25.52 9.29
N GLU H 61 24.67 25.06 9.59
CA GLU H 61 24.47 23.73 10.15
C GLU H 61 25.02 22.61 9.27
N ILE H 62 24.71 22.67 7.98
CA ILE H 62 25.20 21.66 7.06
C ILE H 62 26.73 21.68 7.02
N VAL H 63 27.30 22.88 6.98
CA VAL H 63 28.75 23.02 7.00
C VAL H 63 29.37 22.32 8.22
N GLU H 64 28.82 22.62 9.39
CA GLU H 64 29.32 22.04 10.64
C GLU H 64 29.20 20.52 10.69
N VAL H 65 28.01 20.00 10.42
CA VAL H 65 27.77 18.56 10.43
C VAL H 65 28.69 17.83 9.43
N ALA H 66 28.83 18.39 8.23
CA ALA H 66 29.66 17.79 7.22
C ALA H 66 31.15 17.73 7.64
N TYR H 67 31.67 18.84 8.17
CA TYR H 67 33.07 18.86 8.62
C TYR H 67 33.33 17.90 9.79
N THR H 68 32.43 17.91 10.77
CA THR H 68 32.55 17.00 11.91
C THR H 68 32.51 15.53 11.47
N THR H 69 31.52 15.19 10.64
CA THR H 69 31.38 13.84 10.12
C THR H 69 32.63 13.44 9.36
N GLU H 70 33.17 14.38 8.60
CA GLU H 70 34.39 14.17 7.84
C GLU H 70 35.53 13.76 8.79
N ASP H 71 35.67 14.49 9.89
CA ASP H 71 36.68 14.16 10.88
C ASP H 71 36.49 12.77 11.48
N MET H 72 35.24 12.44 11.80
CA MET H 72 34.93 11.13 12.38
C MET H 72 35.24 9.97 11.41
N VAL H 73 34.86 10.15 10.15
CA VAL H 73 35.15 9.15 9.13
C VAL H 73 36.65 8.98 8.90
N ASP H 74 37.37 10.10 8.82
CA ASP H 74 38.83 10.04 8.68
C ASP H 74 39.41 9.24 9.85
N SER H 75 39.00 9.60 11.06
CA SER H 75 39.55 9.00 12.27
C SER H 75 39.27 7.50 12.37
N GLU H 76 38.02 7.12 12.11
CA GLU H 76 37.62 5.73 12.18
C GLU H 76 38.20 4.88 11.05
N SER H 77 38.40 5.50 9.88
CA SER H 77 39.07 4.82 8.78
C SER H 77 40.49 4.51 9.18
N ARG H 78 41.13 5.48 9.84
CA ARG H 78 42.45 5.27 10.39
C ARG H 78 42.43 4.12 11.40
N ASN H 79 41.35 4.04 12.18
CA ASN H 79 41.20 2.94 13.12
C ASN H 79 41.03 1.58 12.42
N VAL H 80 40.37 1.56 11.26
CA VAL H 80 40.24 0.33 10.46
C VAL H 80 41.58 -0.13 9.90
N PHE H 81 42.34 0.82 9.35
CA PHE H 81 43.64 0.48 8.77
C PHE H 81 44.60 -0.05 9.84
N LEU H 82 44.56 0.58 11.02
CA LEU H 82 45.48 0.27 12.11
C LEU H 82 44.97 -0.88 12.98
N ALA H 83 43.82 -1.44 12.63
CA ALA H 83 43.20 -2.49 13.43
C ALA H 83 44.17 -3.64 13.68
N GLN H 84 44.31 -4.02 14.96
CA GLN H 84 45.24 -5.08 15.34
C GLN H 84 44.53 -6.41 15.23
N ASN H 85 43.21 -6.35 15.15
CA ASN H 85 42.39 -7.55 15.02
C ASN H 85 41.04 -7.26 14.39
N LEU H 86 40.28 -8.33 14.16
CA LEU H 86 38.96 -8.24 13.54
C LEU H 86 37.97 -7.52 14.45
N GLU H 87 38.12 -7.68 15.77
CA GLU H 87 37.21 -7.05 16.72
C GLU H 87 37.33 -5.54 16.52
N GLU H 88 38.57 -5.05 16.51
CA GLU H 88 38.85 -3.63 16.35
C GLU H 88 38.40 -3.09 14.99
N ARG H 89 38.68 -3.86 13.94
CA ARG H 89 38.28 -3.47 12.60
C ARG H 89 36.77 -3.29 12.52
N SER H 90 36.04 -4.28 12.99
CA SER H 90 34.59 -4.22 12.96
C SER H 90 34.05 -3.09 13.84
N ARG H 91 34.67 -2.85 15.00
CA ARG H 91 34.26 -1.72 15.85
C ARG H 91 34.33 -0.42 15.05
N ALA H 92 35.47 -0.22 14.39
CA ALA H 92 35.70 0.96 13.58
C ALA H 92 34.77 1.08 12.37
N MET H 93 34.58 -0.03 11.65
CA MET H 93 33.69 -0.11 10.50
C MET H 93 32.26 0.26 10.89
N TRP H 94 31.80 -0.34 11.97
CA TRP H 94 30.45 -0.11 12.49
C TRP H 94 30.34 1.35 12.80
N GLU H 95 31.40 1.90 13.38
CA GLU H 95 31.40 3.32 13.72
C GLU H 95 31.24 4.18 12.45
N ILE H 96 31.91 3.80 11.37
CA ILE H 96 31.78 4.51 10.09
C ILE H 96 30.36 4.46 9.52
N PHE H 97 29.79 3.27 9.44
CA PHE H 97 28.42 3.10 8.95
C PHE H 97 27.44 3.90 9.78
N PHE H 98 27.57 3.78 11.09
CA PHE H 98 26.66 4.45 12.02
C PHE H 98 26.75 5.98 11.92
N VAL H 99 27.98 6.50 11.92
CA VAL H 99 28.15 7.94 11.84
C VAL H 99 27.63 8.47 10.52
N LEU H 100 27.86 7.74 9.43
CA LEU H 100 27.37 8.16 8.14
C LEU H 100 25.83 8.11 8.06
N GLU H 101 25.22 7.14 8.73
CA GLU H 101 23.77 7.05 8.80
C GLU H 101 23.18 8.25 9.51
N GLN H 102 23.75 8.55 10.68
CA GLN H 102 23.31 9.70 11.47
C GLN H 102 23.49 11.00 10.70
N ALA H 103 24.66 11.14 10.07
CA ALA H 103 25.00 12.34 9.31
C ALA H 103 24.04 12.55 8.14
N LEU H 104 23.77 11.48 7.39
CA LEU H 104 22.88 11.57 6.25
C LEU H 104 21.47 11.90 6.71
N GLU H 105 21.07 11.37 7.87
CA GLU H 105 19.76 11.71 8.40
C GLU H 105 19.66 13.21 8.75
N CYS H 106 20.67 13.73 9.44
CA CYS H 106 20.71 15.15 9.81
C CYS H 106 20.71 16.10 8.63
N ILE H 107 21.57 15.80 7.66
CA ILE H 107 21.66 16.61 6.46
C ILE H 107 20.38 16.52 5.65
N ASP H 108 19.77 15.34 5.58
CA ASP H 108 18.50 15.19 4.88
C ASP H 108 17.41 16.05 5.50
N SER H 109 17.30 15.99 6.82
CA SER H 109 16.34 16.82 7.54
C SER H 109 16.58 18.31 7.26
N THR H 110 17.85 18.71 7.34
CA THR H 110 18.23 20.11 7.13
C THR H 110 17.96 20.58 5.70
N VAL H 111 18.20 19.71 4.73
CA VAL H 111 17.99 19.99 3.31
C VAL H 111 16.50 20.08 2.98
N LYS H 112 15.69 19.26 3.65
CA LYS H 112 14.25 19.38 3.51
C LYS H 112 13.78 20.72 4.07
N GLN H 113 14.35 21.12 5.20
CA GLN H 113 14.07 22.44 5.75
C GLN H 113 14.50 23.55 4.79
N TRP H 114 15.64 23.34 4.13
CA TRP H 114 16.14 24.26 3.12
C TRP H 114 15.16 24.43 1.98
N MET H 115 14.62 23.31 1.51
CA MET H 115 13.68 23.31 0.40
C MET H 115 12.37 24.00 0.78
N ALA H 116 11.86 23.69 1.97
CA ALA H 116 10.62 24.28 2.44
C ALA H 116 10.74 25.79 2.60
N THR H 117 11.87 26.24 3.14
CA THR H 117 12.08 27.67 3.34
C THR H 117 12.35 28.40 2.02
N SER H 118 13.06 27.72 1.12
CA SER H 118 13.37 28.29 -0.19
C SER H 118 12.07 28.42 -0.99
N ASP H 119 11.08 27.61 -0.62
CA ASP H 119 9.75 27.68 -1.21
C ASP H 119 8.88 28.78 -0.60
N SER H 120 9.29 29.28 0.56
CA SER H 120 8.58 30.38 1.23
C SER H 120 9.44 31.63 1.35
N LYS I 13 28.01 -5.35 23.40
CA LYS I 13 27.87 -5.12 24.84
C LYS I 13 28.26 -3.68 25.17
N MET I 14 29.30 -3.17 24.51
CA MET I 14 29.70 -1.78 24.64
C MET I 14 28.83 -0.95 23.71
N LEU I 15 28.19 -1.64 22.76
CA LEU I 15 27.22 -1.00 21.90
C LEU I 15 26.07 -0.45 22.73
N VAL I 16 25.60 -1.25 23.68
CA VAL I 16 24.59 -0.80 24.62
C VAL I 16 25.09 0.45 25.36
N GLU I 17 26.39 0.48 25.65
CA GLU I 17 27.00 1.65 26.31
C GLU I 17 26.86 2.92 25.46
N ARG I 18 27.42 2.91 24.26
CA ARG I 18 27.36 4.11 23.41
C ARG I 18 25.91 4.51 23.11
N MET I 19 25.10 3.52 22.76
CA MET I 19 23.69 3.75 22.46
C MET I 19 22.99 4.39 23.65
N THR I 20 23.37 4.00 24.86
CA THR I 20 22.83 4.62 26.07
C THR I 20 23.32 6.05 26.23
N ASN I 21 24.55 6.30 25.80
CA ASN I 21 25.11 7.66 25.86
C ASN I 21 24.38 8.64 24.95
N ASN I 22 24.08 8.21 23.72
CA ASN I 22 23.52 9.11 22.70
C ASN I 22 22.18 9.76 23.04
N LEU I 23 21.18 8.98 23.44
CA LEU I 23 19.87 9.54 23.81
C LEU I 23 19.83 10.19 25.18
N SER I 24 20.93 10.10 25.92
CA SER I 24 21.08 10.80 27.19
C SER I 24 21.76 12.13 26.96
N SER I 25 22.88 12.10 26.24
CA SER I 25 23.61 13.33 25.88
C SER I 25 23.61 13.53 24.36
N PRO I 26 22.97 14.62 23.90
CA PRO I 26 22.79 14.95 22.48
C PRO I 26 24.09 15.32 21.75
N THR I 27 24.39 14.59 20.69
CA THR I 27 25.52 14.89 19.83
C THR I 27 25.11 15.96 18.81
N ILE I 28 26.00 16.26 17.87
CA ILE I 28 25.68 17.17 16.77
C ILE I 28 24.56 16.57 15.94
N PHE I 29 24.55 15.24 15.84
CA PHE I 29 23.55 14.53 15.07
C PHE I 29 22.20 14.46 15.79
N THR I 30 22.23 14.09 17.07
CA THR I 30 21.00 13.94 17.84
C THR I 30 20.57 15.25 18.53
N ARG I 31 21.29 16.32 18.24
CA ARG I 31 20.82 17.67 18.58
C ARG I 31 19.52 17.92 17.80
N LYS I 32 18.62 18.71 18.39
CA LYS I 32 17.23 18.86 17.94
C LYS I 32 16.42 17.63 18.29
N GLU I 39 17.37 7.31 32.10
CA GLU I 39 16.96 5.98 32.55
C GLU I 39 16.35 5.18 31.40
N GLU I 40 15.59 5.87 30.55
CA GLU I 40 15.01 5.27 29.35
C GLU I 40 16.11 4.69 28.48
N ALA I 41 17.25 5.38 28.53
CA ALA I 41 18.47 5.03 27.82
C ALA I 41 18.77 3.53 27.78
N ALA I 42 18.77 2.90 28.96
CA ALA I 42 19.17 1.51 29.09
C ALA I 42 18.23 0.51 28.39
N LYS I 43 16.97 0.51 28.81
CA LYS I 43 15.95 -0.34 28.20
C LYS I 43 15.97 -0.17 26.68
N ASN I 44 15.86 1.09 26.25
CA ASN I 44 15.90 1.40 24.83
C ASN I 44 17.12 0.78 24.14
N ALA I 45 18.29 1.00 24.73
CA ALA I 45 19.55 0.51 24.18
C ALA I 45 19.60 -1.01 24.01
N GLU I 46 19.15 -1.74 25.04
CA GLU I 46 19.11 -3.19 24.97
C GLU I 46 18.16 -3.67 23.90
N GLU I 47 16.95 -3.10 23.88
CA GLU I 47 15.96 -3.47 22.86
C GLU I 47 16.51 -3.26 21.45
N ILE I 48 16.96 -2.04 21.19
CA ILE I 48 17.53 -1.66 19.91
C ILE I 48 18.69 -2.57 19.50
N GLU I 49 19.58 -2.86 20.45
CA GLU I 49 20.74 -3.72 20.20
C GLU I 49 20.29 -5.12 19.81
N ASP I 50 19.36 -5.68 20.58
CA ASP I 50 18.82 -7.01 20.31
C ASP I 50 18.20 -7.07 18.92
N ALA I 51 17.45 -6.02 18.59
CA ALA I 51 16.76 -5.95 17.31
C ALA I 51 17.74 -5.86 16.13
N ALA I 52 18.66 -4.91 16.22
CA ALA I 52 19.66 -4.70 15.18
C ALA I 52 20.52 -5.95 14.98
N PHE I 53 20.91 -6.57 16.10
CA PHE I 53 21.63 -7.83 16.06
C PHE I 53 20.83 -8.88 15.31
N THR I 54 19.58 -9.06 15.72
CA THR I 54 18.68 -10.03 15.10
C THR I 54 18.55 -9.80 13.59
N ILE I 55 18.34 -8.54 13.20
CA ILE I 55 18.20 -8.18 11.79
C ILE I 55 19.43 -8.57 10.98
N ALA I 71 25.61 -6.42 7.32
CA ALA I 71 26.92 -7.09 7.34
C ALA I 71 27.96 -6.25 6.64
N VAL I 72 28.58 -5.32 7.36
CA VAL I 72 28.33 -5.09 8.78
C VAL I 72 27.43 -3.86 8.91
N GLN I 73 27.17 -3.23 7.77
CA GLN I 73 26.31 -2.04 7.67
C GLN I 73 25.00 -2.17 8.43
N LEU I 74 24.32 -3.30 8.24
CA LEU I 74 22.98 -3.55 8.76
C LEU I 74 22.80 -3.22 10.24
N TYR I 75 23.67 -3.79 11.07
CA TYR I 75 23.70 -3.59 12.51
C TYR I 75 23.62 -2.09 12.87
N ALA I 76 24.58 -1.34 12.35
CA ALA I 76 24.68 0.10 12.61
C ALA I 76 23.51 0.89 12.03
N ARG I 77 23.12 0.50 10.81
CA ARG I 77 21.99 1.11 10.12
C ARG I 77 20.74 1.04 10.99
N GLU I 78 20.35 -0.17 11.35
CA GLU I 78 19.18 -0.39 12.19
C GLU I 78 19.30 0.29 13.55
N CYS I 79 20.51 0.25 14.12
CA CYS I 79 20.78 0.98 15.36
C CYS I 79 20.38 2.44 15.22
N SER I 80 20.94 3.10 14.19
CA SER I 80 20.63 4.49 13.90
C SER I 80 19.14 4.73 13.64
N LYS I 81 18.53 3.87 12.83
CA LYS I 81 17.10 3.97 12.53
C LYS I 81 16.23 3.97 13.78
N LEU I 82 16.47 3.03 14.67
CA LEU I 82 15.70 2.94 15.92
C LEU I 82 15.96 4.10 16.87
N ILE I 83 17.24 4.51 16.97
CA ILE I 83 17.57 5.67 17.79
C ILE I 83 16.79 6.88 17.27
N LEU I 84 16.80 7.03 15.96
CA LEU I 84 16.08 8.12 15.29
C LEU I 84 14.58 8.05 15.59
N GLU I 85 14.01 6.84 15.53
CA GLU I 85 12.58 6.69 15.81
C GLU I 85 12.23 7.00 17.26
N ILE I 86 13.17 6.76 18.17
CA ILE I 86 12.98 7.08 19.58
C ILE I 86 13.07 8.59 19.84
N LEU I 87 14.09 9.22 19.27
CA LEU I 87 14.36 10.64 19.51
C LEU I 87 13.43 11.60 18.75
N LYS I 88 12.99 11.19 17.57
CA LYS I 88 12.14 12.02 16.74
C LYS I 88 10.72 12.14 17.28
N LYS I 89 10.39 11.32 18.28
CA LYS I 89 9.07 11.38 18.92
C LYS I 89 8.87 12.70 19.65
N UNK J 9 39.62 42.85 17.07
CA UNK J 9 38.92 41.74 17.73
C UNK J 9 38.62 40.65 16.71
N UNK J 10 37.43 40.74 16.10
CA UNK J 10 37.09 39.86 14.99
C UNK J 10 37.64 40.48 13.70
N UNK J 11 37.75 41.81 13.72
CA UNK J 11 38.30 42.57 12.60
C UNK J 11 39.77 42.22 12.34
N UNK J 12 40.54 42.10 13.42
CA UNK J 12 41.94 41.71 13.33
C UNK J 12 42.08 40.35 12.63
N UNK J 13 41.40 39.35 13.17
CA UNK J 13 41.38 38.01 12.58
C UNK J 13 40.95 38.06 11.12
N UNK J 14 39.99 38.93 10.82
CA UNK J 14 39.54 39.14 9.45
C UNK J 14 40.68 39.66 8.57
N UNK J 15 41.55 40.48 9.16
CA UNK J 15 42.70 41.03 8.44
C UNK J 15 43.83 40.02 8.25
N UNK J 16 44.02 39.15 9.24
CA UNK J 16 45.02 38.09 9.15
C UNK J 16 44.59 37.06 8.10
N UNK J 17 43.29 36.76 8.09
CA UNK J 17 42.72 35.85 7.09
C UNK J 17 42.78 36.49 5.72
N UNK J 18 42.56 37.81 5.66
CA UNK J 18 42.66 38.57 4.42
C UNK J 18 44.06 38.46 3.84
N UNK J 19 45.05 38.21 4.70
CA UNK J 19 46.43 38.04 4.29
C UNK J 19 46.72 36.59 3.93
N SER J 24 45.62 31.40 -5.42
CA SER J 24 45.60 29.98 -5.70
C SER J 24 46.88 29.32 -5.24
N SER J 25 46.76 28.23 -4.48
CA SER J 25 47.93 27.62 -3.88
C SER J 25 47.90 26.10 -3.76
N PRO J 26 49.01 25.48 -4.15
CA PRO J 26 49.28 24.08 -3.89
C PRO J 26 50.55 23.98 -3.07
N THR J 27 50.81 25.04 -2.30
CA THR J 27 51.98 25.11 -1.44
C THR J 27 51.70 25.93 -0.18
N ILE J 28 50.44 26.26 0.03
CA ILE J 28 50.05 27.01 1.23
C ILE J 28 50.37 26.17 2.48
N PHE J 29 51.03 26.81 3.44
CA PHE J 29 51.52 26.14 4.64
C PHE J 29 52.39 24.92 4.32
N SER J 37 33.84 29.02 26.65
CA SER J 37 34.66 30.09 26.08
C SER J 37 35.78 29.53 25.23
N LYS J 38 36.35 28.41 25.66
CA LYS J 38 37.48 27.79 24.97
C LYS J 38 37.03 27.03 23.73
N GLU J 39 35.91 26.33 23.86
CA GLU J 39 35.37 25.55 22.75
C GLU J 39 34.87 26.46 21.63
N GLU J 40 34.35 27.63 21.99
CA GLU J 40 33.95 28.62 20.99
C GLU J 40 35.15 29.04 20.14
N ALA J 41 36.24 29.39 20.81
CA ALA J 41 37.46 29.81 20.13
C ALA J 41 38.03 28.71 19.24
N ALA J 42 38.17 27.51 19.80
CA ALA J 42 38.69 26.37 19.06
C ALA J 42 37.85 26.05 17.81
N LYS J 43 36.53 25.95 18.01
CA LYS J 43 35.61 25.66 16.92
C LYS J 43 35.63 26.74 15.84
N ASN J 44 35.56 28.00 16.27
CA ASN J 44 35.68 29.15 15.38
C ASN J 44 36.90 29.01 14.47
N ALA J 45 38.06 28.86 15.12
CA ALA J 45 39.32 28.69 14.42
C ALA J 45 39.29 27.54 13.42
N GLU J 46 38.83 26.37 13.87
CA GLU J 46 38.73 25.21 12.99
C GLU J 46 37.92 25.53 11.72
N GLU J 47 36.78 26.18 11.90
CA GLU J 47 35.93 26.51 10.76
C GLU J 47 36.58 27.47 9.76
N ILE J 48 37.07 28.62 10.25
CA ILE J 48 37.73 29.56 9.33
C ILE J 48 38.93 28.91 8.63
N GLU J 49 39.61 28.01 9.34
CA GLU J 49 40.65 27.19 8.74
C GLU J 49 40.12 26.43 7.52
N ASP J 50 39.17 25.54 7.78
CA ASP J 50 38.62 24.67 6.73
C ASP J 50 38.13 25.47 5.51
N ALA J 51 37.47 26.60 5.76
CA ALA J 51 36.98 27.44 4.67
C ALA J 51 38.11 28.03 3.83
N ALA J 52 39.06 28.69 4.52
CA ALA J 52 40.23 29.24 3.85
C ALA J 52 40.90 28.16 2.99
N PHE J 53 40.92 26.94 3.51
CA PHE J 53 41.51 25.81 2.81
C PHE J 53 40.73 25.33 1.58
N THR J 54 39.40 25.35 1.62
CA THR J 54 38.62 25.02 0.42
C THR J 54 38.89 26.06 -0.67
N ILE J 55 38.78 27.33 -0.30
CA ILE J 55 39.02 28.41 -1.25
C ILE J 55 40.39 28.29 -1.89
N ALA J 56 41.43 28.19 -1.07
CA ALA J 56 42.79 28.01 -1.60
C ALA J 56 42.91 26.72 -2.42
N ASN J 57 42.14 25.70 -2.05
CA ASN J 57 42.15 24.42 -2.76
C ASN J 57 41.57 24.51 -4.17
N GLN J 58 40.75 25.53 -4.43
CA GLN J 58 40.25 25.77 -5.79
C GLN J 58 41.35 25.73 -6.87
N HIS J 59 42.60 25.92 -6.46
CA HIS J 59 43.76 25.88 -7.37
C HIS J 59 43.88 24.50 -8.03
N UNK J 72 41.46 38.40 -0.17
CA UNK J 72 40.38 39.20 0.34
C UNK J 72 39.02 38.73 -0.16
N UNK J 73 39.04 37.93 -1.22
CA UNK J 73 37.81 37.34 -1.76
C UNK J 73 37.30 36.24 -0.84
N UNK J 74 36.08 36.43 -0.33
CA UNK J 74 35.46 35.52 0.65
C UNK J 74 36.29 35.40 1.93
N UNK J 75 37.05 36.44 2.24
CA UNK J 75 37.88 36.46 3.44
C UNK J 75 37.09 36.91 4.67
N UNK J 76 36.48 38.08 4.59
CA UNK J 76 35.60 38.56 5.65
C UNK J 76 34.33 37.72 5.66
N UNK J 77 33.97 37.20 4.50
CA UNK J 77 32.82 36.31 4.36
C UNK J 77 33.02 35.04 5.19
N UNK J 78 34.27 34.63 5.33
CA UNK J 78 34.61 33.40 6.05
C UNK J 78 34.48 33.56 7.56
N UNK J 79 34.83 34.73 8.08
CA UNK J 79 34.77 34.97 9.52
C UNK J 79 33.33 34.96 10.04
N UNK J 80 32.41 35.40 9.19
CA UNK J 80 31.00 35.51 9.56
C UNK J 80 30.37 34.16 9.89
N UNK J 81 30.40 33.23 8.94
CA UNK J 81 29.87 31.89 9.16
C UNK J 81 30.58 31.22 10.33
N UNK J 82 31.90 31.36 10.35
CA UNK J 82 32.72 30.83 11.45
C UNK J 82 32.27 31.39 12.80
N UNK J 83 32.09 32.71 12.86
CA UNK J 83 31.56 33.35 14.06
C UNK J 83 30.16 32.85 14.35
N UNK J 84 29.35 32.73 13.30
CA UNK J 84 27.99 32.25 13.43
C UNK J 84 27.94 30.81 13.95
N UNK J 85 28.82 29.97 13.42
CA UNK J 85 28.81 28.54 13.72
C UNK J 85 29.20 28.21 15.17
N UNK J 86 30.10 29.01 15.72
CA UNK J 86 30.66 28.71 17.04
C UNK J 86 29.89 29.34 18.21
N UNK J 87 29.32 30.52 17.97
CA UNK J 87 28.60 31.27 19.00
C UNK J 87 27.47 30.46 19.63
#